data_3RAW
#
_entry.id   3RAW
#
_cell.length_a   61.670
_cell.length_b   122.420
_cell.length_c   69.280
_cell.angle_alpha   90.000
_cell.angle_beta   92.600
_cell.angle_gamma   90.000
#
_symmetry.space_group_name_H-M   'P 1 21 1'
#
loop_
_entity.id
_entity.type
_entity.pdbx_description
1 polymer 'Dual specificity protein kinase CLK3'
2 non-polymer 5-(1,3-benzodioxol-5-ylmethyl)-2-(phenylamino)-4H-imidazol-4-one
3 water water
#
_entity_poly.entity_id   1
_entity_poly.type   'polypeptide(L)'
_entity_poly.pdbx_seq_one_letter_code
;MHHHHHHSSGVDLGTENLYFQSMQSSKRSSRSVEDDKEGHLVCRIGDWLQERYEIVGNLGEGTFGKVVECLDHARGKSQV
ALKIIRNVGKYREAARLEINVLKKIKEKDKENKFLCVLMSDWFNFHGHMCIAFELLGKNTFEFLKENNFQPYPLPHVRHM
AYQLCHALRFLHENQLTHTDLKPENILFVNSEFETLYNEHKSCEEKSVKNTSIRVADFGSATFDHEHHTTIVATRHYRPP
EVILELGWAQPCDVWSIGCILFEYYRGFTLFQTHENREHLVMMEKILGPIPSHMIHRTRKQKYFYKGGLVWDENSSDGRY
VKENCKPLKSYMLQDSLEHVQLFDLMRRMLEFDPAQRITLAEALLHPFFAGLTPEERSFHT
;
_entity_poly.pdbx_strand_id   A,B
#
loop_
_chem_comp.id
_chem_comp.type
_chem_comp.name
_chem_comp.formula
3RA non-polymer 5-(1,3-benzodioxol-5-ylmethyl)-2-(phenylamino)-4H-imidazol-4-one 'C17 H13 N3 O3'
#
# COMPACT_ATOMS: atom_id res chain seq x y z
N ARG A 31 -9.92 -31.22 -40.57
CA ARG A 31 -9.21 -30.62 -41.73
C ARG A 31 -9.31 -29.09 -41.69
N SER A 32 -10.46 -28.56 -42.12
CA SER A 32 -10.76 -27.13 -42.03
C SER A 32 -11.49 -26.85 -40.70
N VAL A 33 -11.21 -25.69 -40.13
CA VAL A 33 -11.69 -25.30 -38.80
C VAL A 33 -11.90 -23.78 -38.81
N GLU A 34 -12.92 -23.28 -38.12
CA GLU A 34 -13.25 -21.83 -38.14
C GLU A 34 -13.20 -21.22 -36.73
N ASP A 35 -12.87 -19.92 -36.65
CA ASP A 35 -12.91 -19.15 -35.38
C ASP A 35 -13.54 -17.75 -35.64
N ASP A 36 -14.26 -17.20 -34.66
CA ASP A 36 -14.90 -15.86 -34.82
C ASP A 36 -13.91 -14.72 -34.55
N LYS A 37 -14.32 -13.48 -34.85
CA LYS A 37 -13.42 -12.31 -34.74
C LYS A 37 -12.90 -12.10 -33.30
N GLU A 38 -13.67 -12.57 -32.32
CA GLU A 38 -13.25 -12.57 -30.92
C GLU A 38 -12.24 -13.70 -30.58
N GLY A 39 -12.02 -14.64 -31.50
CA GLY A 39 -11.00 -15.69 -31.35
C GLY A 39 -11.51 -17.04 -30.85
N HIS A 40 -12.81 -17.13 -30.56
CA HIS A 40 -13.41 -18.39 -30.08
C HIS A 40 -13.41 -19.41 -31.21
N LEU A 41 -13.42 -20.68 -30.85
CA LEU A 41 -13.53 -21.76 -31.82
C LEU A 41 -15.00 -21.92 -32.15
N VAL A 42 -15.33 -21.97 -33.43
CA VAL A 42 -16.70 -22.23 -33.83
C VAL A 42 -16.88 -23.74 -33.80
N CYS A 43 -17.80 -24.22 -32.97
CA CYS A 43 -18.02 -25.65 -32.83
C CYS A 43 -19.36 -26.02 -32.21
N ARG A 44 -19.99 -27.03 -32.80
CA ARG A 44 -21.35 -27.44 -32.47
C ARG A 44 -21.30 -28.86 -31.93
N ILE A 45 -22.44 -29.32 -31.42
CA ILE A 45 -22.56 -30.69 -30.88
C ILE A 45 -22.35 -31.69 -32.00
N GLY A 46 -21.61 -32.75 -31.72
CA GLY A 46 -21.30 -33.79 -32.71
C GLY A 46 -19.92 -33.66 -33.34
N ASP A 47 -19.31 -32.48 -33.23
CA ASP A 47 -17.92 -32.27 -33.71
C ASP A 47 -16.93 -33.08 -32.89
N TRP A 48 -15.84 -33.49 -33.53
CA TRP A 48 -14.76 -34.18 -32.84
C TRP A 48 -13.51 -33.30 -32.78
N LEU A 49 -12.71 -33.53 -31.75
CA LEU A 49 -11.41 -32.89 -31.56
C LEU A 49 -10.36 -33.95 -31.34
N GLN A 50 -9.18 -33.69 -31.91
CA GLN A 50 -8.19 -34.72 -32.25
C GLN A 50 -8.97 -35.75 -33.04
N GLU A 51 -8.91 -37.01 -32.61
CA GLU A 51 -9.90 -37.98 -33.03
C GLU A 51 -10.14 -38.83 -31.80
N ARG A 52 -10.61 -38.16 -30.74
CA ARG A 52 -11.02 -38.84 -29.53
C ARG A 52 -12.09 -38.12 -28.71
N TYR A 53 -12.16 -36.80 -28.78
CA TYR A 53 -13.15 -36.07 -28.01
C TYR A 53 -14.33 -35.68 -28.91
N GLU A 54 -15.54 -36.10 -28.52
CA GLU A 54 -16.78 -35.78 -29.26
C GLU A 54 -17.61 -34.83 -28.41
N ILE A 55 -17.95 -33.67 -28.95
CA ILE A 55 -18.73 -32.66 -28.22
C ILE A 55 -20.20 -33.08 -28.13
N VAL A 56 -20.73 -33.12 -26.90
CA VAL A 56 -22.08 -33.60 -26.66
C VAL A 56 -22.95 -32.65 -25.81
N GLY A 57 -22.37 -31.53 -25.36
CA GLY A 57 -23.12 -30.47 -24.65
C GLY A 57 -22.28 -29.20 -24.41
N ASN A 58 -22.95 -28.09 -24.14
CA ASN A 58 -22.26 -26.85 -23.77
C ASN A 58 -22.30 -26.61 -22.26
N LEU A 59 -21.14 -26.35 -21.69
CA LEU A 59 -21.02 -26.20 -20.24
C LEU A 59 -20.88 -24.74 -19.79
N GLY A 60 -20.47 -23.87 -20.69
CA GLY A 60 -20.40 -22.44 -20.38
C GLY A 60 -19.25 -21.80 -21.14
N GLU A 61 -19.12 -20.49 -20.99
CA GLU A 61 -18.11 -19.72 -21.72
C GLU A 61 -17.73 -18.49 -20.94
N GLY A 62 -16.42 -18.25 -20.85
CA GLY A 62 -15.91 -17.06 -20.22
C GLY A 62 -15.27 -16.13 -21.22
N THR A 63 -14.38 -15.30 -20.70
CA THR A 63 -13.54 -14.46 -21.54
C THR A 63 -12.38 -15.31 -22.07
N PHE A 64 -12.00 -16.36 -21.31
CA PHE A 64 -10.95 -17.31 -21.71
C PHE A 64 -11.27 -18.15 -22.95
N GLY A 65 -12.56 -18.36 -23.21
CA GLY A 65 -12.98 -19.37 -24.19
C GLY A 65 -14.31 -20.03 -23.84
N LYS A 66 -14.41 -21.33 -24.13
CA LYS A 66 -15.62 -22.13 -23.88
C LYS A 66 -15.27 -23.41 -23.12
N VAL A 67 -16.24 -23.94 -22.37
CA VAL A 67 -16.13 -25.27 -21.82
C VAL A 67 -17.26 -26.09 -22.41
N VAL A 68 -16.94 -27.30 -22.86
CA VAL A 68 -17.92 -28.20 -23.46
C VAL A 68 -17.79 -29.59 -22.87
N GLU A 69 -18.90 -30.31 -22.75
CA GLU A 69 -18.84 -31.69 -22.25
C GLU A 69 -18.51 -32.54 -23.46
N CYS A 70 -17.55 -33.44 -23.31
CA CYS A 70 -17.15 -34.32 -24.37
C CYS A 70 -17.16 -35.73 -23.90
N LEU A 71 -17.29 -36.64 -24.86
CA LEU A 71 -17.07 -38.06 -24.63
C LEU A 71 -15.65 -38.38 -25.07
N ASP A 72 -14.92 -39.09 -24.22
CA ASP A 72 -13.54 -39.46 -24.49
C ASP A 72 -13.52 -40.84 -25.13
N HIS A 73 -13.52 -40.87 -26.45
CA HIS A 73 -13.57 -42.14 -27.17
C HIS A 73 -12.24 -42.90 -27.09
N ALA A 74 -11.21 -42.30 -26.51
CA ALA A 74 -9.95 -42.99 -26.23
C ALA A 74 -9.86 -43.59 -24.83
N ARG A 75 -10.76 -43.21 -23.91
CA ARG A 75 -10.68 -43.68 -22.51
C ARG A 75 -12.00 -44.26 -21.97
N GLY A 76 -12.77 -44.90 -22.86
CA GLY A 76 -13.97 -45.66 -22.47
C GLY A 76 -15.30 -45.03 -22.83
N LYS A 77 -15.28 -44.06 -23.75
CA LYS A 77 -16.45 -43.24 -24.07
C LYS A 77 -16.91 -42.44 -22.83
N SER A 78 -15.96 -41.99 -22.00
CA SER A 78 -16.28 -41.38 -20.70
C SER A 78 -16.29 -39.85 -20.74
N GLN A 79 -16.88 -39.24 -19.71
CA GLN A 79 -17.18 -37.82 -19.75
C GLN A 79 -16.03 -36.96 -19.26
N VAL A 80 -15.64 -35.99 -20.09
CA VAL A 80 -14.72 -34.97 -19.68
C VAL A 80 -15.36 -33.63 -19.97
N ALA A 81 -14.93 -32.62 -19.22
CA ALA A 81 -15.25 -31.25 -19.53
C ALA A 81 -14.04 -30.78 -20.33
N LEU A 82 -14.24 -30.07 -21.45
CA LEU A 82 -13.13 -29.64 -22.29
C LEU A 82 -13.13 -28.14 -22.44
N LYS A 83 -12.13 -27.51 -21.83
CA LYS A 83 -11.99 -26.08 -21.82
C LYS A 83 -11.25 -25.77 -23.11
N ILE A 84 -11.90 -25.05 -24.02
CA ILE A 84 -11.32 -24.70 -25.31
C ILE A 84 -11.02 -23.22 -25.27
N ILE A 85 -9.73 -22.91 -25.32
CA ILE A 85 -9.27 -21.53 -25.13
C ILE A 85 -9.29 -20.79 -26.49
N ARG A 86 -9.61 -19.51 -26.41
CA ARG A 86 -9.54 -18.62 -27.53
C ARG A 86 -8.18 -18.63 -28.23
N ASN A 87 -8.24 -18.54 -29.55
CA ASN A 87 -7.05 -18.38 -30.38
C ASN A 87 -6.52 -16.93 -30.31
N VAL A 88 -6.05 -16.51 -29.12
CA VAL A 88 -5.53 -15.16 -28.85
C VAL A 88 -4.28 -15.30 -27.98
N GLY A 89 -3.19 -14.62 -28.35
CA GLY A 89 -1.93 -14.68 -27.61
C GLY A 89 -2.08 -14.69 -26.10
N LYS A 90 -2.74 -13.67 -25.55
CA LYS A 90 -2.86 -13.50 -24.10
C LYS A 90 -3.45 -14.76 -23.45
N TYR A 91 -4.54 -15.26 -24.03
CA TYR A 91 -5.25 -16.39 -23.47
C TYR A 91 -4.50 -17.71 -23.66
N ARG A 92 -3.87 -17.89 -24.82
CA ARG A 92 -3.03 -19.08 -25.03
C ARG A 92 -1.93 -19.18 -23.95
N GLU A 93 -1.23 -18.06 -23.79
CA GLU A 93 -0.21 -17.90 -22.76
C GLU A 93 -0.73 -18.26 -21.35
N ALA A 94 -1.89 -17.69 -20.97
CA ALA A 94 -2.47 -17.98 -19.66
C ALA A 94 -2.80 -19.46 -19.52
N ALA A 95 -3.18 -20.10 -20.62
CA ALA A 95 -3.51 -21.51 -20.57
C ALA A 95 -2.25 -22.38 -20.47
N ARG A 96 -1.15 -21.99 -21.09
CA ARG A 96 0.12 -22.72 -20.91
C ARG A 96 0.52 -22.64 -19.46
N LEU A 97 0.41 -21.44 -18.88
CA LEU A 97 0.65 -21.27 -17.44
C LEU A 97 -0.26 -22.18 -16.58
N GLU A 98 -1.53 -22.26 -16.94
CA GLU A 98 -2.46 -23.06 -16.21
C GLU A 98 -2.07 -24.54 -16.30
N ILE A 99 -1.62 -24.99 -17.46
CA ILE A 99 -1.30 -26.41 -17.62
C ILE A 99 -0.09 -26.74 -16.73
N ASN A 100 0.81 -25.78 -16.56
CA ASN A 100 2.00 -26.00 -15.72
C ASN A 100 1.60 -26.04 -14.25
N VAL A 101 0.68 -25.18 -13.85
CA VAL A 101 0.13 -25.26 -12.48
C VAL A 101 -0.59 -26.58 -12.22
N LEU A 102 -1.48 -26.97 -13.13
CA LEU A 102 -2.28 -28.17 -12.94
C LEU A 102 -1.41 -29.37 -12.84
N LYS A 103 -0.38 -29.44 -13.68
CA LYS A 103 0.48 -30.60 -13.62
C LYS A 103 1.32 -30.57 -12.32
N LYS A 104 1.78 -29.41 -11.91
CA LYS A 104 2.54 -29.35 -10.67
C LYS A 104 1.64 -29.76 -9.46
N ILE A 105 0.38 -29.33 -9.47
CA ILE A 105 -0.59 -29.72 -8.44
C ILE A 105 -0.83 -31.22 -8.44
N LYS A 106 -1.02 -31.83 -9.60
CA LYS A 106 -1.29 -33.27 -9.58
C LYS A 106 -0.06 -34.09 -9.16
N GLU A 107 1.15 -33.56 -9.40
CA GLU A 107 2.37 -34.16 -8.85
C GLU A 107 2.57 -33.96 -7.34
N LYS A 108 2.10 -32.83 -6.80
CA LYS A 108 2.15 -32.60 -5.35
C LYS A 108 1.01 -33.29 -4.59
N ASP A 109 -0.06 -33.67 -5.31
CA ASP A 109 -1.27 -34.29 -4.71
C ASP A 109 -1.76 -35.49 -5.56
N LYS A 110 -0.98 -36.55 -5.58
CA LYS A 110 -1.31 -37.72 -6.41
C LYS A 110 -2.68 -38.30 -6.03
N GLU A 111 -2.99 -38.31 -4.74
CA GLU A 111 -4.29 -38.80 -4.23
C GLU A 111 -5.56 -37.94 -4.54
N ASN A 112 -5.43 -36.75 -5.12
CA ASN A 112 -6.58 -35.82 -5.27
C ASN A 112 -7.23 -35.34 -3.92
N LYS A 113 -6.50 -35.44 -2.82
CA LYS A 113 -7.05 -35.10 -1.51
C LYS A 113 -7.32 -33.57 -1.27
N PHE A 114 -6.78 -32.68 -2.11
CA PHE A 114 -6.90 -31.22 -1.83
C PHE A 114 -7.87 -30.47 -2.79
N LEU A 115 -8.70 -31.24 -3.49
CA LEU A 115 -9.91 -30.74 -4.09
C LEU A 115 -9.72 -29.75 -5.21
N CYS A 116 -8.67 -29.92 -6.00
CA CYS A 116 -8.46 -29.10 -7.19
C CYS A 116 -8.98 -29.89 -8.37
N VAL A 117 -9.57 -29.24 -9.35
CA VAL A 117 -10.02 -29.98 -10.56
C VAL A 117 -8.88 -30.82 -11.10
N LEU A 118 -9.24 -31.97 -11.66
CA LEU A 118 -8.25 -32.96 -12.09
C LEU A 118 -8.09 -32.89 -13.60
N MET A 119 -6.91 -32.51 -14.06
CA MET A 119 -6.62 -32.42 -15.49
C MET A 119 -6.28 -33.81 -15.98
N SER A 120 -6.99 -34.27 -17.00
CA SER A 120 -6.70 -35.59 -17.56
C SER A 120 -5.86 -35.50 -18.82
N ASP A 121 -5.89 -34.38 -19.53
CA ASP A 121 -5.09 -34.22 -20.73
C ASP A 121 -5.07 -32.77 -21.16
N TRP A 122 -4.14 -32.45 -22.04
CA TRP A 122 -4.10 -31.12 -22.68
C TRP A 122 -3.54 -31.26 -24.09
N PHE A 123 -3.97 -30.37 -25.00
CA PHE A 123 -3.43 -30.30 -26.36
C PHE A 123 -3.63 -28.94 -27.03
N ASN A 124 -3.00 -28.79 -28.18
CA ASN A 124 -3.14 -27.60 -29.02
C ASN A 124 -3.89 -27.99 -30.29
N PHE A 125 -5.09 -27.42 -30.44
CA PHE A 125 -5.98 -27.70 -31.53
C PHE A 125 -6.07 -26.45 -32.41
N HIS A 126 -5.24 -26.36 -33.44
CA HIS A 126 -5.23 -25.21 -34.34
C HIS A 126 -5.08 -23.87 -33.60
N GLY A 127 -4.18 -23.82 -32.62
CA GLY A 127 -3.92 -22.60 -31.88
C GLY A 127 -4.79 -22.44 -30.63
N HIS A 128 -5.87 -23.21 -30.51
CA HIS A 128 -6.69 -23.25 -29.29
C HIS A 128 -6.12 -24.26 -28.30
N MET A 129 -5.59 -23.78 -27.18
CA MET A 129 -5.17 -24.70 -26.12
C MET A 129 -6.43 -25.34 -25.56
N CYS A 130 -6.37 -26.65 -25.33
CA CYS A 130 -7.51 -27.35 -24.82
C CYS A 130 -7.09 -28.10 -23.58
N ILE A 131 -7.87 -27.95 -22.49
CA ILE A 131 -7.61 -28.69 -21.29
C ILE A 131 -8.82 -29.57 -21.00
N ALA A 132 -8.56 -30.87 -20.89
CA ALA A 132 -9.57 -31.82 -20.52
C ALA A 132 -9.52 -32.00 -19.01
N PHE A 133 -10.71 -31.99 -18.42
CA PHE A 133 -10.92 -32.14 -17.02
C PHE A 133 -11.95 -33.22 -16.75
N GLU A 134 -11.86 -33.83 -15.58
CA GLU A 134 -12.91 -34.70 -15.10
C GLU A 134 -14.21 -33.89 -14.98
N LEU A 135 -15.32 -34.45 -15.48
CA LEU A 135 -16.58 -33.71 -15.55
C LEU A 135 -17.19 -33.53 -14.19
N LEU A 136 -17.51 -32.28 -13.87
CA LEU A 136 -18.11 -31.94 -12.59
C LEU A 136 -19.49 -31.38 -12.90
N GLY A 137 -20.25 -30.99 -11.88
CA GLY A 137 -21.56 -30.40 -12.09
C GLY A 137 -21.45 -28.90 -12.26
N LYS A 138 -22.52 -28.20 -11.87
CA LYS A 138 -22.63 -26.75 -11.96
C LYS A 138 -21.68 -26.03 -11.05
N ASN A 139 -21.22 -24.87 -11.48
CA ASN A 139 -20.43 -24.07 -10.58
C ASN A 139 -21.37 -23.40 -9.59
N THR A 140 -20.80 -22.90 -8.51
CA THR A 140 -21.60 -22.43 -7.39
C THR A 140 -22.37 -21.16 -7.72
N PHE A 141 -21.91 -20.41 -8.73
CA PHE A 141 -22.65 -19.23 -9.17
C PHE A 141 -23.88 -19.66 -9.95
N GLU A 142 -23.70 -20.57 -10.90
CA GLU A 142 -24.77 -21.03 -11.74
C GLU A 142 -25.85 -21.71 -10.92
N PHE A 143 -25.46 -22.50 -9.92
CA PHE A 143 -26.44 -23.13 -9.04
C PHE A 143 -27.26 -22.05 -8.35
N LEU A 144 -26.56 -21.05 -7.88
CA LEU A 144 -27.20 -19.94 -7.18
C LEU A 144 -28.15 -19.20 -8.09
N LYS A 145 -27.68 -18.94 -9.31
CA LYS A 145 -28.51 -18.23 -10.30
C LYS A 145 -29.78 -19.00 -10.63
N GLU A 146 -29.65 -20.31 -10.81
CA GLU A 146 -30.80 -21.15 -11.08
C GLU A 146 -31.71 -21.27 -9.85
N ASN A 147 -31.19 -20.96 -8.67
CA ASN A 147 -31.98 -20.92 -7.44
C ASN A 147 -32.53 -19.53 -7.16
N ASN A 148 -32.55 -18.68 -8.19
CA ASN A 148 -33.05 -17.33 -8.10
C ASN A 148 -32.31 -16.52 -7.05
N PHE A 149 -31.06 -16.87 -6.83
CA PHE A 149 -30.17 -16.21 -5.87
C PHE A 149 -30.63 -16.32 -4.44
N GLN A 150 -31.40 -17.37 -4.16
CA GLN A 150 -31.69 -17.74 -2.79
C GLN A 150 -30.43 -18.35 -2.19
N PRO A 151 -30.04 -17.91 -0.99
CA PRO A 151 -28.73 -18.26 -0.49
C PRO A 151 -28.60 -19.71 -0.06
N TYR A 152 -27.36 -20.21 -0.04
CA TYR A 152 -27.13 -21.57 0.50
C TYR A 152 -27.45 -21.59 2.01
N PRO A 153 -28.03 -22.69 2.51
CA PRO A 153 -28.19 -22.78 3.96
C PRO A 153 -26.84 -22.84 4.67
N LEU A 154 -26.84 -22.33 5.89
CA LEU A 154 -25.62 -22.21 6.67
C LEU A 154 -24.80 -23.53 6.73
N PRO A 155 -25.44 -24.68 6.96
CA PRO A 155 -24.62 -25.89 6.96
C PRO A 155 -23.87 -26.12 5.67
N HIS A 156 -24.51 -25.75 4.56
CA HIS A 156 -23.88 -25.82 3.25
C HIS A 156 -22.73 -24.82 3.10
N VAL A 157 -23.00 -23.58 3.51
CA VAL A 157 -21.98 -22.54 3.53
C VAL A 157 -20.73 -23.01 4.36
N ARG A 158 -20.99 -23.68 5.47
CA ARG A 158 -19.94 -24.10 6.35
C ARG A 158 -19.08 -25.17 5.70
N HIS A 159 -19.71 -26.17 5.12
CA HIS A 159 -18.99 -27.23 4.47
C HIS A 159 -18.23 -26.72 3.25
N MET A 160 -18.82 -25.78 2.50
CA MET A 160 -18.15 -25.23 1.34
C MET A 160 -16.94 -24.41 1.76
N ALA A 161 -17.10 -23.66 2.85
CA ALA A 161 -16.00 -22.86 3.39
C ALA A 161 -14.84 -23.73 3.83
N TYR A 162 -15.17 -24.84 4.49
CA TYR A 162 -14.16 -25.75 5.00
C TYR A 162 -13.35 -26.29 3.86
N GLN A 163 -14.03 -26.76 2.81
CA GLN A 163 -13.34 -27.26 1.64
C GLN A 163 -12.45 -26.22 0.93
N LEU A 164 -12.92 -24.97 0.86
CA LEU A 164 -12.17 -23.96 0.14
C LEU A 164 -10.92 -23.71 0.94
N CYS A 165 -11.09 -23.67 2.24
CA CYS A 165 -9.98 -23.38 3.12
C CYS A 165 -8.92 -24.47 3.00
N HIS A 166 -9.37 -25.72 2.99
CA HIS A 166 -8.50 -26.89 2.83
C HIS A 166 -7.73 -26.86 1.49
N ALA A 167 -8.45 -26.58 0.40
CA ALA A 167 -7.85 -26.65 -0.92
C ALA A 167 -6.83 -25.53 -1.02
N LEU A 168 -7.20 -24.35 -0.55
CA LEU A 168 -6.34 -23.22 -0.76
C LEU A 168 -5.14 -23.26 0.21
N ARG A 169 -5.34 -23.83 1.39
CA ARG A 169 -4.26 -23.90 2.35
C ARG A 169 -3.13 -24.74 1.76
N PHE A 170 -3.49 -25.87 1.18
CA PHE A 170 -2.57 -26.68 0.37
C PHE A 170 -1.83 -25.89 -0.70
N LEU A 171 -2.53 -25.11 -1.51
CA LEU A 171 -1.83 -24.31 -2.55
C LEU A 171 -0.86 -23.31 -1.97
N HIS A 172 -1.33 -22.68 -0.91
CA HIS A 172 -0.60 -21.67 -0.23
C HIS A 172 0.69 -22.17 0.35
N GLU A 173 0.65 -23.38 0.89
CA GLU A 173 1.86 -23.95 1.47
C GLU A 173 2.78 -24.48 0.40
N ASN A 174 2.31 -24.55 -0.83
CA ASN A 174 3.20 -24.85 -1.95
C ASN A 174 3.50 -23.59 -2.75
N GLN A 175 3.53 -22.44 -2.06
CA GLN A 175 4.04 -21.18 -2.64
C GLN A 175 3.19 -20.70 -3.85
N LEU A 176 1.90 -21.00 -3.81
CA LEU A 176 0.99 -20.66 -4.89
C LEU A 176 -0.11 -19.76 -4.34
N THR A 177 -0.56 -18.83 -5.16
CA THR A 177 -1.71 -17.99 -4.87
C THR A 177 -2.56 -18.05 -6.12
N HIS A 178 -3.87 -18.25 -5.95
CA HIS A 178 -4.81 -18.50 -7.04
C HIS A 178 -5.06 -17.18 -7.77
N THR A 179 -5.50 -16.19 -6.99
CA THR A 179 -5.77 -14.81 -7.39
C THR A 179 -7.11 -14.56 -8.06
N ASP A 180 -7.81 -15.58 -8.47
CA ASP A 180 -9.06 -15.39 -9.17
C ASP A 180 -10.13 -16.28 -8.56
N LEU A 181 -10.18 -16.37 -7.23
CA LEU A 181 -11.25 -17.08 -6.62
C LEU A 181 -12.54 -16.28 -6.78
N LYS A 182 -13.59 -17.00 -7.18
CA LYS A 182 -14.96 -16.44 -7.27
C LYS A 182 -15.92 -17.60 -7.49
N PRO A 183 -17.20 -17.39 -7.25
CA PRO A 183 -18.13 -18.54 -7.22
C PRO A 183 -18.18 -19.38 -8.50
N GLU A 184 -18.08 -18.72 -9.64
CA GLU A 184 -18.00 -19.38 -10.93
C GLU A 184 -16.79 -20.34 -11.07
N ASN A 185 -15.69 -20.07 -10.34
CA ASN A 185 -14.53 -20.97 -10.34
C ASN A 185 -14.58 -22.09 -9.28
N ILE A 186 -15.71 -22.26 -8.61
CA ILE A 186 -15.91 -23.31 -7.63
C ILE A 186 -17.02 -24.19 -8.15
N LEU A 187 -16.75 -25.49 -8.30
CA LEU A 187 -17.68 -26.38 -8.94
C LEU A 187 -18.18 -27.43 -7.97
N PHE A 188 -19.47 -27.75 -8.02
CA PHE A 188 -19.98 -28.90 -7.31
C PHE A 188 -19.54 -30.13 -8.05
N VAL A 189 -19.11 -31.16 -7.32
CA VAL A 189 -18.84 -32.46 -7.92
C VAL A 189 -20.12 -32.97 -8.59
N ASN A 190 -21.25 -32.82 -7.90
CA ASN A 190 -22.56 -33.21 -8.43
C ASN A 190 -23.59 -32.22 -7.93
N SER A 191 -24.27 -31.54 -8.86
CA SER A 191 -25.14 -30.42 -8.52
C SER A 191 -26.63 -30.80 -8.51
N GLU A 192 -26.91 -32.09 -8.36
CA GLU A 192 -28.31 -32.56 -8.23
C GLU A 192 -28.88 -32.03 -6.93
N PHE A 193 -30.16 -31.67 -6.98
CA PHE A 193 -30.80 -30.93 -5.89
C PHE A 193 -32.12 -31.55 -5.58
N GLU A 194 -32.67 -31.16 -4.44
CA GLU A 194 -34.09 -31.37 -4.16
C GLU A 194 -34.77 -30.03 -3.93
N THR A 195 -36.06 -29.99 -4.23
CA THR A 195 -36.83 -28.76 -4.15
C THR A 195 -37.71 -28.82 -2.92
N LEU A 196 -37.49 -27.90 -1.99
CA LEU A 196 -38.37 -27.78 -0.84
C LEU A 196 -39.20 -26.53 -1.01
N TYR A 197 -40.26 -26.41 -0.24
CA TYR A 197 -41.09 -25.22 -0.24
C TYR A 197 -40.79 -24.51 1.06
N ASN A 198 -40.35 -23.25 0.99
CA ASN A 198 -40.07 -22.45 2.18
C ASN A 198 -41.32 -21.66 2.57
N GLU A 199 -41.74 -21.80 3.83
CA GLU A 199 -43.03 -21.24 4.27
C GLU A 199 -42.93 -19.74 4.63
N HIS A 200 -41.80 -19.33 5.22
CA HIS A 200 -41.49 -17.91 5.46
C HIS A 200 -41.52 -17.13 4.12
N LYS A 201 -40.66 -17.54 3.19
CA LYS A 201 -40.50 -16.89 1.88
C LYS A 201 -41.67 -17.10 0.87
N SER A 202 -42.63 -17.98 1.21
CA SER A 202 -43.75 -18.40 0.32
C SER A 202 -43.29 -18.73 -1.12
N CYS A 203 -42.20 -19.50 -1.20
CA CYS A 203 -41.48 -19.83 -2.45
C CYS A 203 -40.81 -21.20 -2.36
N GLU A 204 -40.75 -21.90 -3.49
CA GLU A 204 -39.91 -23.10 -3.62
C GLU A 204 -38.42 -22.73 -3.52
N GLU A 205 -37.58 -23.74 -3.30
CA GLU A 205 -36.17 -23.53 -2.92
C GLU A 205 -35.40 -24.79 -3.22
N LYS A 206 -34.26 -24.65 -3.88
CA LYS A 206 -33.47 -25.81 -4.23
C LYS A 206 -32.30 -25.98 -3.25
N SER A 207 -32.06 -27.21 -2.86
CA SER A 207 -31.02 -27.56 -1.92
C SER A 207 -30.16 -28.63 -2.59
N VAL A 208 -28.90 -28.35 -2.79
CA VAL A 208 -28.00 -29.33 -3.41
C VAL A 208 -27.86 -30.51 -2.48
N LYS A 209 -27.96 -31.72 -3.05
CA LYS A 209 -27.86 -32.98 -2.29
C LYS A 209 -26.45 -33.28 -1.75
N ASN A 210 -25.41 -32.92 -2.50
CA ASN A 210 -24.04 -33.11 -2.06
C ASN A 210 -23.26 -31.79 -2.27
N THR A 211 -22.71 -31.26 -1.18
CA THR A 211 -21.98 -29.97 -1.18
C THR A 211 -20.46 -30.12 -1.40
N SER A 212 -19.98 -31.29 -1.81
CA SER A 212 -18.56 -31.47 -2.22
C SER A 212 -18.22 -30.60 -3.42
N ILE A 213 -17.16 -29.85 -3.29
CA ILE A 213 -16.74 -28.94 -4.34
C ILE A 213 -15.27 -29.15 -4.77
N ARG A 214 -14.94 -28.53 -5.89
CA ARG A 214 -13.60 -28.51 -6.42
C ARG A 214 -13.24 -27.09 -6.85
N VAL A 215 -11.95 -26.78 -6.81
CA VAL A 215 -11.45 -25.49 -7.23
C VAL A 215 -10.87 -25.57 -8.64
N ALA A 216 -11.25 -24.61 -9.47
CA ALA A 216 -10.89 -24.53 -10.85
C ALA A 216 -10.20 -23.22 -11.21
N ASP A 217 -9.66 -23.22 -12.41
CA ASP A 217 -9.14 -22.05 -13.09
C ASP A 217 -7.85 -21.48 -12.50
N PHE A 218 -6.75 -22.05 -12.92
CA PHE A 218 -5.44 -21.70 -12.43
C PHE A 218 -4.69 -20.88 -13.46
N GLY A 219 -5.41 -20.34 -14.43
CA GLY A 219 -4.84 -19.47 -15.44
C GLY A 219 -4.16 -18.20 -14.96
N SER A 220 -4.47 -17.77 -13.74
CA SER A 220 -3.83 -16.58 -13.14
C SER A 220 -2.99 -16.90 -11.91
N ALA A 221 -2.88 -18.18 -11.57
CA ALA A 221 -2.20 -18.65 -10.38
C ALA A 221 -0.72 -18.34 -10.44
N THR A 222 -0.18 -17.76 -9.38
CA THR A 222 1.15 -17.22 -9.41
C THR A 222 1.97 -17.81 -8.27
N PHE A 223 3.16 -18.29 -8.62
CA PHE A 223 4.10 -18.83 -7.63
C PHE A 223 4.79 -17.66 -6.92
N ASP A 224 5.27 -17.89 -5.71
CA ASP A 224 5.93 -16.84 -4.92
C ASP A 224 7.07 -16.18 -5.70
N HIS A 225 7.85 -16.98 -6.38
CA HIS A 225 9.05 -16.47 -7.06
C HIS A 225 8.79 -15.82 -8.43
N GLU A 226 7.55 -15.85 -8.92
CA GLU A 226 7.21 -15.33 -10.25
C GLU A 226 6.85 -13.86 -10.17
N HIS A 227 6.90 -13.17 -11.29
CA HIS A 227 6.46 -11.79 -11.38
C HIS A 227 4.99 -11.66 -10.94
N HIS A 228 4.71 -10.72 -10.05
CA HIS A 228 3.34 -10.46 -9.59
C HIS A 228 2.81 -9.22 -10.33
N THR A 229 1.79 -9.36 -11.15
CA THR A 229 1.12 -8.23 -11.77
C THR A 229 0.56 -7.28 -10.70
N THR A 230 0.60 -5.97 -10.98
CA THR A 230 0.05 -4.97 -10.06
C THR A 230 -1.42 -5.25 -9.73
N ILE A 231 -2.23 -5.54 -10.73
CA ILE A 231 -3.65 -5.74 -10.47
C ILE A 231 -4.04 -7.18 -10.75
N VAL A 232 -4.56 -7.85 -9.73
CA VAL A 232 -5.13 -9.17 -9.92
C VAL A 232 -6.52 -9.22 -9.31
N ALA A 233 -7.21 -10.33 -9.57
CA ALA A 233 -8.54 -10.70 -9.11
C ALA A 233 -9.61 -10.01 -9.92
N THR A 234 -10.76 -10.65 -10.01
CA THR A 234 -12.01 -10.05 -10.53
C THR A 234 -12.39 -8.97 -9.56
N ARG A 235 -12.84 -7.84 -10.05
CA ARG A 235 -12.98 -6.65 -9.20
C ARG A 235 -13.75 -6.91 -7.90
N HIS A 236 -14.86 -7.64 -7.95
CA HIS A 236 -15.66 -7.85 -6.75
C HIS A 236 -14.97 -8.61 -5.62
N TYR A 237 -13.95 -9.38 -5.96
CA TYR A 237 -13.30 -10.28 -5.02
C TYR A 237 -11.88 -9.80 -4.75
N ARG A 238 -11.61 -8.56 -5.17
CA ARG A 238 -10.27 -7.97 -5.17
C ARG A 238 -10.00 -7.24 -3.86
N PRO A 239 -8.88 -7.55 -3.20
CA PRO A 239 -8.55 -6.91 -1.91
C PRO A 239 -7.97 -5.48 -1.96
N PRO A 240 -8.03 -4.78 -0.84
CA PRO A 240 -7.58 -3.38 -0.82
C PRO A 240 -6.10 -3.19 -1.06
N GLU A 241 -5.28 -4.19 -0.75
CA GLU A 241 -3.85 -4.09 -0.99
C GLU A 241 -3.57 -4.07 -2.48
N VAL A 242 -4.41 -4.75 -3.25
CA VAL A 242 -4.32 -4.67 -4.71
C VAL A 242 -4.77 -3.31 -5.21
N ILE A 243 -5.87 -2.80 -4.68
CA ILE A 243 -6.33 -1.51 -5.14
C ILE A 243 -5.31 -0.43 -4.77
N LEU A 244 -4.75 -0.52 -3.54
CA LEU A 244 -3.80 0.48 -3.04
C LEU A 244 -2.35 0.24 -3.49
N GLU A 245 -2.16 -0.79 -4.29
CA GLU A 245 -0.86 -1.16 -4.89
C GLU A 245 0.24 -1.34 -3.83
N LEU A 246 -0.12 -2.14 -2.83
CA LEU A 246 0.70 -2.34 -1.64
C LEU A 246 1.43 -3.67 -1.82
N GLY A 247 1.25 -4.28 -2.98
CA GLY A 247 1.74 -5.64 -3.17
C GLY A 247 0.76 -6.68 -2.61
N TRP A 248 0.84 -7.89 -3.13
CA TRP A 248 -0.08 -8.94 -2.72
C TRP A 248 0.65 -10.30 -2.72
N ALA A 249 0.05 -11.22 -1.99
CA ALA A 249 0.48 -12.55 -1.94
C ALA A 249 -0.73 -13.38 -1.51
N GLN A 250 -0.51 -14.50 -0.81
CA GLN A 250 -1.58 -15.43 -0.46
C GLN A 250 -2.80 -14.79 0.24
N PRO A 251 -2.60 -13.76 1.07
CA PRO A 251 -3.79 -13.17 1.75
C PRO A 251 -4.79 -12.65 0.78
N CYS A 252 -4.37 -12.42 -0.46
CA CYS A 252 -5.33 -12.02 -1.50
C CYS A 252 -6.46 -13.06 -1.61
N ASP A 253 -6.11 -14.35 -1.61
CA ASP A 253 -7.10 -15.41 -1.75
C ASP A 253 -8.03 -15.48 -0.53
N VAL A 254 -7.52 -15.12 0.62
CA VAL A 254 -8.31 -15.19 1.86
C VAL A 254 -9.39 -14.09 1.82
N TRP A 255 -9.05 -12.89 1.42
CA TRP A 255 -10.03 -11.84 1.12
C TRP A 255 -11.08 -12.33 0.16
N SER A 256 -10.65 -12.92 -0.95
CA SER A 256 -11.62 -13.45 -1.93
C SER A 256 -12.58 -14.48 -1.31
N ILE A 257 -12.04 -15.33 -0.43
CA ILE A 257 -12.85 -16.33 0.21
C ILE A 257 -13.91 -15.71 1.10
N GLY A 258 -13.51 -14.68 1.86
CA GLY A 258 -14.47 -14.01 2.72
C GLY A 258 -15.62 -13.43 1.89
N CYS A 259 -15.30 -12.85 0.73
CA CYS A 259 -16.33 -12.27 -0.13
C CYS A 259 -17.24 -13.36 -0.67
N ILE A 260 -16.64 -14.49 -0.95
CA ILE A 260 -17.37 -15.62 -1.48
C ILE A 260 -18.33 -16.20 -0.42
N LEU A 261 -17.87 -16.34 0.83
CA LEU A 261 -18.72 -16.87 1.87
C LEU A 261 -19.92 -15.97 2.08
N PHE A 262 -19.69 -14.67 2.00
CA PHE A 262 -20.78 -13.74 2.14
C PHE A 262 -21.80 -14.01 1.07
N GLU A 263 -21.30 -14.15 -0.14
CA GLU A 263 -22.17 -14.31 -1.29
C GLU A 263 -22.97 -15.64 -1.28
N TYR A 264 -22.34 -16.70 -0.80
CA TYR A 264 -23.04 -17.94 -0.55
C TYR A 264 -24.14 -17.79 0.52
N TYR A 265 -23.85 -17.03 1.53
CA TYR A 265 -24.75 -16.90 2.66
C TYR A 265 -25.93 -15.94 2.49
N ARG A 266 -25.75 -14.88 1.67
CA ARG A 266 -26.84 -13.92 1.32
C ARG A 266 -27.34 -14.06 -0.11
N GLY A 267 -26.51 -14.58 -1.02
CA GLY A 267 -26.96 -14.84 -2.37
C GLY A 267 -26.69 -13.66 -3.28
N PHE A 268 -26.10 -12.60 -2.75
CA PHE A 268 -25.67 -11.49 -3.58
C PHE A 268 -24.25 -11.05 -3.24
N THR A 269 -23.66 -10.29 -4.16
CA THR A 269 -22.25 -9.98 -4.14
C THR A 269 -22.00 -8.92 -3.07
N LEU A 270 -20.93 -9.10 -2.30
CA LEU A 270 -20.68 -8.20 -1.16
C LEU A 270 -20.29 -6.82 -1.72
N PHE A 271 -19.39 -6.78 -2.70
CA PHE A 271 -18.89 -5.53 -3.27
C PHE A 271 -19.29 -5.49 -4.74
N GLN A 272 -20.48 -4.97 -4.99
CA GLN A 272 -21.02 -4.93 -6.33
C GLN A 272 -20.52 -3.63 -7.00
N THR A 273 -19.24 -3.59 -7.30
CA THR A 273 -18.57 -2.39 -7.67
C THR A 273 -17.90 -2.50 -9.06
N HIS A 274 -17.65 -1.36 -9.67
CA HIS A 274 -17.01 -1.31 -10.96
C HIS A 274 -15.98 -0.21 -11.03
N GLU A 275 -15.56 0.34 -9.89
CA GLU A 275 -14.62 1.48 -9.93
C GLU A 275 -13.88 1.53 -8.61
N ASN A 276 -12.59 1.85 -8.61
CA ASN A 276 -11.79 1.71 -7.35
C ASN A 276 -12.22 2.55 -6.11
N ARG A 277 -12.56 3.83 -6.33
CA ARG A 277 -12.95 4.74 -5.27
C ARG A 277 -14.23 4.25 -4.62
N GLU A 278 -15.20 3.90 -5.46
CA GLU A 278 -16.47 3.35 -5.00
C GLU A 278 -16.20 2.08 -4.16
N HIS A 279 -15.35 1.22 -4.66
CA HIS A 279 -15.02 -0.03 -3.94
C HIS A 279 -14.48 0.27 -2.55
N LEU A 280 -13.61 1.27 -2.43
CA LEU A 280 -13.00 1.59 -1.11
C LEU A 280 -14.01 2.18 -0.13
N VAL A 281 -14.89 3.04 -0.65
CA VAL A 281 -16.04 3.52 0.10
C VAL A 281 -16.91 2.39 0.62
N MET A 282 -17.17 1.36 -0.19
CA MET A 282 -18.01 0.23 0.24
C MET A 282 -17.29 -0.50 1.34
N MET A 283 -16.00 -0.72 1.13
CA MET A 283 -15.22 -1.38 2.15
C MET A 283 -15.33 -0.66 3.48
N GLU A 284 -15.27 0.67 3.46
CA GLU A 284 -15.31 1.42 4.69
C GLU A 284 -16.68 1.33 5.32
N LYS A 285 -17.70 1.44 4.48
CA LYS A 285 -19.08 1.38 4.94
C LYS A 285 -19.46 0.01 5.45
N ILE A 286 -18.83 -1.04 4.91
CA ILE A 286 -19.18 -2.40 5.34
C ILE A 286 -18.30 -2.84 6.54
N LEU A 287 -17.04 -2.42 6.53
CA LEU A 287 -16.03 -2.98 7.45
C LEU A 287 -15.37 -1.92 8.37
N GLY A 288 -15.61 -0.62 8.13
CA GLY A 288 -15.03 0.44 8.93
C GLY A 288 -13.81 1.03 8.24
N PRO A 289 -13.19 2.03 8.88
CA PRO A 289 -12.11 2.82 8.24
C PRO A 289 -10.91 1.98 7.81
N ILE A 290 -10.32 2.34 6.67
CA ILE A 290 -9.08 1.75 6.18
C ILE A 290 -8.01 2.17 7.17
N PRO A 291 -7.18 1.25 7.70
CA PRO A 291 -6.24 1.71 8.70
C PRO A 291 -5.27 2.73 8.14
N SER A 292 -4.97 3.74 8.96
CA SER A 292 -4.13 4.82 8.55
C SER A 292 -2.72 4.39 8.08
N HIS A 293 -2.17 3.31 8.60
CA HIS A 293 -0.88 2.87 8.12
C HIS A 293 -0.90 2.43 6.63
N MET A 294 -1.97 1.79 6.17
CA MET A 294 -2.07 1.50 4.73
C MET A 294 -2.24 2.74 3.86
N ILE A 295 -2.89 3.75 4.40
CA ILE A 295 -3.02 5.06 3.78
C ILE A 295 -1.67 5.77 3.67
N HIS A 296 -0.83 5.71 4.70
CA HIS A 296 0.49 6.31 4.67
C HIS A 296 1.39 5.66 3.63
N ARG A 297 1.18 4.37 3.42
CA ARG A 297 2.06 3.53 2.60
C ARG A 297 1.69 3.56 1.12
N THR A 298 0.41 3.76 0.81
CA THR A 298 -0.01 3.81 -0.57
C THR A 298 0.57 5.03 -1.31
N ARG A 299 0.85 4.82 -2.59
CA ARG A 299 1.13 5.90 -3.51
C ARG A 299 -0.17 6.43 -4.16
N LYS A 300 -1.29 5.70 -4.02
CA LYS A 300 -2.61 6.17 -4.49
C LYS A 300 -3.30 7.11 -3.50
N GLN A 301 -2.65 8.24 -3.35
CA GLN A 301 -3.09 9.33 -2.49
C GLN A 301 -4.26 10.11 -3.13
N LYS A 302 -4.54 9.90 -4.42
CA LYS A 302 -5.71 10.55 -5.04
C LYS A 302 -7.02 10.12 -4.38
N TYR A 303 -7.01 8.98 -3.71
CA TYR A 303 -8.20 8.50 -3.06
C TYR A 303 -8.40 9.11 -1.66
N PHE A 304 -7.43 9.90 -1.21
CA PHE A 304 -7.49 10.38 0.16
C PHE A 304 -7.16 11.82 0.28
N TYR A 305 -7.57 12.36 1.42
CA TYR A 305 -7.27 13.73 1.84
C TYR A 305 -7.33 13.79 3.36
N LYS A 306 -6.23 14.22 3.98
CA LYS A 306 -6.12 14.36 5.43
C LYS A 306 -6.50 13.06 6.15
N GLY A 307 -6.03 11.93 5.62
CA GLY A 307 -6.29 10.61 6.21
C GLY A 307 -7.66 9.99 5.98
N GLY A 308 -8.50 10.68 5.18
CA GLY A 308 -9.88 10.25 4.92
C GLY A 308 -10.10 10.01 3.43
N LEU A 309 -10.90 8.99 3.13
CA LEU A 309 -11.31 8.72 1.77
C LEU A 309 -12.05 9.91 1.19
N VAL A 310 -11.78 10.23 -0.08
CA VAL A 310 -12.45 11.33 -0.76
C VAL A 310 -13.43 10.74 -1.76
N TRP A 311 -14.66 11.24 -1.81
CA TRP A 311 -15.63 10.71 -2.80
C TRP A 311 -16.85 11.57 -2.95
N ASP A 312 -17.53 11.35 -4.07
CA ASP A 312 -18.65 12.17 -4.51
C ASP A 312 -19.93 11.44 -4.10
N GLU A 313 -20.54 11.94 -3.05
CA GLU A 313 -21.72 11.30 -2.50
C GLU A 313 -22.96 11.48 -3.42
N ASN A 314 -22.92 12.49 -4.30
CA ASN A 314 -24.01 12.82 -5.18
C ASN A 314 -23.95 12.13 -6.55
N SER A 315 -22.82 11.47 -6.83
CA SER A 315 -22.66 10.67 -8.06
C SER A 315 -23.63 9.51 -8.03
N SER A 316 -23.95 8.93 -9.20
CA SER A 316 -24.73 7.67 -9.19
C SER A 316 -24.01 6.59 -8.41
N ASP A 317 -22.67 6.59 -8.46
CA ASP A 317 -21.92 5.63 -7.67
C ASP A 317 -22.07 5.90 -6.17
N GLY A 318 -21.93 7.16 -5.80
CA GLY A 318 -22.07 7.57 -4.41
C GLY A 318 -23.46 7.22 -3.90
N ARG A 319 -24.48 7.60 -4.65
CA ARG A 319 -25.85 7.37 -4.17
C ARG A 319 -26.10 5.87 -4.02
N TYR A 320 -25.55 5.08 -4.95
CA TYR A 320 -25.74 3.63 -4.92
C TYR A 320 -25.19 3.01 -3.61
N VAL A 321 -23.99 3.46 -3.22
CA VAL A 321 -23.25 2.88 -2.07
C VAL A 321 -23.92 3.32 -0.79
N LYS A 322 -24.42 4.55 -0.75
CA LYS A 322 -25.12 5.04 0.46
C LYS A 322 -26.49 4.35 0.61
N GLU A 323 -27.17 4.09 -0.51
CA GLU A 323 -28.44 3.34 -0.44
C GLU A 323 -28.27 1.87 -0.04
N ASN A 324 -27.22 1.22 -0.54
CA ASN A 324 -27.07 -0.24 -0.44
C ASN A 324 -25.99 -0.86 0.47
N CYS A 325 -24.91 -0.15 0.81
CA CYS A 325 -23.84 -0.75 1.62
C CYS A 325 -24.01 -0.39 3.08
N LYS A 326 -24.14 -1.41 3.92
CA LYS A 326 -24.35 -1.28 5.35
C LYS A 326 -23.27 -2.08 6.07
N PRO A 327 -23.17 -1.93 7.40
CA PRO A 327 -22.12 -2.65 8.14
C PRO A 327 -22.26 -4.16 8.07
N LEU A 328 -21.14 -4.88 7.97
CA LEU A 328 -21.12 -6.34 7.82
C LEU A 328 -22.14 -7.06 8.72
N LYS A 329 -22.12 -6.74 10.00
CA LYS A 329 -22.90 -7.47 10.98
C LYS A 329 -24.39 -7.40 10.67
N SER A 330 -24.87 -6.30 10.08
CA SER A 330 -26.30 -6.11 9.82
C SER A 330 -26.83 -7.06 8.74
N TYR A 331 -25.95 -7.78 8.06
CA TYR A 331 -26.38 -8.70 7.01
C TYR A 331 -26.67 -10.08 7.58
N MET A 332 -26.45 -10.24 8.86
CA MET A 332 -26.61 -11.50 9.50
C MET A 332 -28.12 -11.87 9.41
N LEU A 333 -28.44 -13.13 9.14
CA LEU A 333 -29.84 -13.60 9.01
C LEU A 333 -30.41 -14.18 10.30
N GLN A 334 -29.55 -14.77 11.14
CA GLN A 334 -29.97 -15.38 12.41
C GLN A 334 -28.91 -15.09 13.45
N ASP A 335 -29.31 -15.08 14.72
CA ASP A 335 -28.46 -14.66 15.84
C ASP A 335 -27.85 -15.81 16.63
N SER A 336 -28.10 -17.05 16.21
CA SER A 336 -27.54 -18.22 16.88
C SER A 336 -26.02 -18.26 16.71
N LEU A 337 -25.37 -19.11 17.49
CA LEU A 337 -23.90 -19.14 17.60
C LEU A 337 -23.23 -19.40 16.24
N GLU A 338 -23.75 -20.38 15.51
CA GLU A 338 -23.17 -20.80 14.25
C GLU A 338 -23.17 -19.63 13.27
N HIS A 339 -24.23 -18.81 13.27
CA HIS A 339 -24.21 -17.58 12.51
C HIS A 339 -23.21 -16.54 13.05
N VAL A 340 -23.15 -16.37 14.37
CA VAL A 340 -22.19 -15.43 14.95
C VAL A 340 -20.75 -15.80 14.55
N GLN A 341 -20.47 -17.10 14.50
CA GLN A 341 -19.15 -17.60 14.23
C GLN A 341 -18.77 -17.47 12.78
N LEU A 342 -19.71 -17.74 11.87
CA LEU A 342 -19.46 -17.43 10.46
C LEU A 342 -19.03 -15.99 10.27
N PHE A 343 -19.78 -15.07 10.85
CA PHE A 343 -19.44 -13.65 10.74
C PHE A 343 -18.13 -13.24 11.42
N ASP A 344 -17.75 -13.92 12.50
CA ASP A 344 -16.43 -13.73 13.10
C ASP A 344 -15.35 -14.19 12.10
N LEU A 345 -15.59 -15.33 11.46
CA LEU A 345 -14.62 -15.85 10.51
C LEU A 345 -14.49 -14.94 9.31
N MET A 346 -15.63 -14.59 8.71
CA MET A 346 -15.68 -13.67 7.59
C MET A 346 -14.97 -12.37 7.86
N ARG A 347 -15.21 -11.80 9.02
CA ARG A 347 -14.58 -10.51 9.38
C ARG A 347 -13.06 -10.66 9.53
N ARG A 348 -12.61 -11.80 10.05
CA ARG A 348 -11.17 -12.01 10.15
C ARG A 348 -10.57 -12.24 8.75
N MET A 349 -11.33 -12.85 7.85
CA MET A 349 -10.90 -12.94 6.43
C MET A 349 -10.94 -11.58 5.67
N LEU A 350 -11.79 -10.65 6.10
CA LEU A 350 -11.90 -9.36 5.45
C LEU A 350 -11.13 -8.25 6.22
N GLU A 351 -10.11 -8.65 6.95
CA GLU A 351 -9.20 -7.69 7.57
C GLU A 351 -8.54 -6.88 6.46
N PHE A 352 -8.48 -5.57 6.63
CA PHE A 352 -7.87 -4.67 5.65
C PHE A 352 -6.37 -4.96 5.51
N ASP A 353 -5.71 -5.15 6.64
CA ASP A 353 -4.26 -5.30 6.64
C ASP A 353 -3.95 -6.76 6.34
N PRO A 354 -3.32 -7.06 5.17
CA PRO A 354 -3.02 -8.45 4.80
C PRO A 354 -2.03 -9.17 5.76
N ALA A 355 -1.17 -8.42 6.41
CA ALA A 355 -0.32 -8.99 7.46
C ALA A 355 -1.13 -9.45 8.69
N GLN A 356 -2.33 -8.93 8.91
CA GLN A 356 -3.13 -9.29 10.10
C GLN A 356 -4.35 -10.15 9.72
N ARG A 357 -4.59 -10.27 8.44
CA ARG A 357 -5.69 -11.07 7.95
C ARG A 357 -5.46 -12.52 8.36
N ILE A 358 -6.53 -13.24 8.73
CA ILE A 358 -6.38 -14.62 9.18
C ILE A 358 -5.76 -15.45 8.02
N THR A 359 -4.91 -16.44 8.35
CA THR A 359 -4.35 -17.32 7.34
C THR A 359 -5.33 -18.46 7.18
N LEU A 360 -5.21 -19.25 6.12
CA LEU A 360 -6.16 -20.37 5.98
C LEU A 360 -5.85 -21.51 6.96
N ALA A 361 -4.56 -21.71 7.27
CA ALA A 361 -4.15 -22.64 8.34
C ALA A 361 -4.88 -22.30 9.64
N GLU A 362 -5.00 -21.00 9.94
CA GLU A 362 -5.66 -20.57 11.18
C GLU A 362 -7.18 -20.67 11.03
N ALA A 363 -7.68 -20.40 9.82
CA ALA A 363 -9.13 -20.44 9.62
C ALA A 363 -9.62 -21.87 9.82
N LEU A 364 -8.82 -22.85 9.42
CA LEU A 364 -9.24 -24.21 9.54
C LEU A 364 -9.44 -24.59 11.01
N LEU A 365 -8.94 -23.79 11.93
CA LEU A 365 -9.05 -24.09 13.38
C LEU A 365 -10.18 -23.28 14.03
N HIS A 366 -10.78 -22.38 13.27
CA HIS A 366 -11.84 -21.49 13.79
C HIS A 366 -13.05 -22.29 14.33
N PRO A 367 -13.64 -21.82 15.42
CA PRO A 367 -14.76 -22.55 16.03
C PRO A 367 -15.97 -22.82 15.14
N PHE A 368 -16.23 -21.93 14.17
CA PHE A 368 -17.26 -22.12 13.14
C PHE A 368 -17.27 -23.53 12.61
N PHE A 369 -16.10 -24.08 12.38
CA PHE A 369 -15.97 -25.43 11.83
C PHE A 369 -16.25 -26.61 12.76
N ALA A 370 -16.44 -26.35 14.05
CA ALA A 370 -16.90 -27.36 15.00
C ALA A 370 -18.23 -28.01 14.56
N GLY A 371 -19.06 -27.28 13.84
CA GLY A 371 -20.36 -27.78 13.45
C GLY A 371 -20.38 -28.65 12.21
N LEU A 372 -19.23 -28.93 11.61
CA LEU A 372 -19.21 -29.89 10.52
C LEU A 372 -19.52 -31.27 11.06
N THR A 373 -20.18 -32.07 10.24
CA THR A 373 -20.30 -33.47 10.56
C THR A 373 -18.92 -34.12 10.38
N PRO A 374 -18.71 -35.27 11.05
CA PRO A 374 -17.48 -36.06 10.88
C PRO A 374 -17.19 -36.41 9.40
N GLU A 375 -18.25 -36.77 8.66
CA GLU A 375 -18.09 -37.08 7.24
C GLU A 375 -17.56 -35.86 6.48
N GLU A 376 -18.16 -34.69 6.73
CA GLU A 376 -17.71 -33.44 6.12
C GLU A 376 -16.25 -33.16 6.49
N ARG A 377 -15.90 -33.32 7.76
CA ARG A 377 -14.56 -32.97 8.26
C ARG A 377 -13.48 -33.85 7.64
N SER A 378 -13.84 -35.10 7.33
CA SER A 378 -12.92 -36.06 6.69
C SER A 378 -13.07 -36.19 5.17
N PHE A 379 -13.84 -35.30 4.53
CA PHE A 379 -14.07 -35.34 3.08
C PHE A 379 -14.64 -36.70 2.62
N HIS A 380 -15.52 -37.29 3.41
CA HIS A 380 -16.19 -38.54 3.01
C HIS A 380 -17.63 -38.17 2.68
N THR A 381 -17.80 -37.44 1.59
CA THR A 381 -19.10 -36.85 1.21
C THR A 381 -19.42 -37.10 -0.28
N VAL B 33 -3.67 28.05 34.42
CA VAL B 33 -2.78 27.27 33.51
C VAL B 33 -3.01 25.76 33.68
N GLU B 34 -3.35 25.07 32.60
CA GLU B 34 -3.58 23.62 32.62
C GLU B 34 -2.82 22.92 31.47
N ASP B 35 -2.41 21.67 31.71
CA ASP B 35 -1.86 20.77 30.67
C ASP B 35 -2.75 19.52 30.51
N ASP B 36 -2.50 18.72 29.46
CA ASP B 36 -3.23 17.44 29.25
C ASP B 36 -2.36 16.25 29.64
N LYS B 37 -2.89 15.04 29.49
CA LYS B 37 -2.22 13.82 29.99
C LYS B 37 -0.92 13.51 29.23
N GLU B 38 -0.86 13.91 27.97
CA GLU B 38 0.40 13.86 27.22
C GLU B 38 1.35 15.01 27.64
N GLY B 39 0.81 16.08 28.23
CA GLY B 39 1.60 17.17 28.78
C GLY B 39 1.66 18.43 27.94
N HIS B 40 0.76 18.56 26.96
CA HIS B 40 0.63 19.80 26.19
C HIS B 40 -0.01 20.86 27.06
N LEU B 41 0.33 22.11 26.77
CA LEU B 41 -0.36 23.26 27.37
C LEU B 41 -1.74 23.30 26.73
N VAL B 42 -2.76 23.27 27.58
CA VAL B 42 -4.12 23.56 27.15
C VAL B 42 -4.18 25.07 27.02
N CYS B 43 -4.45 25.54 25.82
CA CYS B 43 -4.57 26.95 25.58
C CYS B 43 -5.41 27.15 24.34
N ARG B 44 -6.01 28.32 24.20
CA ARG B 44 -6.90 28.62 23.09
C ARG B 44 -6.72 30.05 22.62
N ILE B 45 -7.28 30.34 21.44
CA ILE B 45 -7.22 31.68 20.84
C ILE B 45 -7.72 32.73 21.84
N GLY B 46 -6.94 33.80 22.02
CA GLY B 46 -7.25 34.85 22.98
C GLY B 46 -6.45 34.78 24.26
N ASP B 47 -5.90 33.61 24.61
CA ASP B 47 -5.13 33.44 25.85
C ASP B 47 -3.78 34.14 25.75
N TRP B 48 -3.26 34.56 26.90
CA TRP B 48 -1.97 35.28 26.97
C TRP B 48 -0.89 34.45 27.68
N LEU B 49 0.35 34.65 27.24
CA LEU B 49 1.53 34.06 27.88
C LEU B 49 2.51 35.16 28.27
N GLN B 50 3.11 35.00 29.45
CA GLN B 50 3.82 36.09 30.15
C GLN B 50 2.78 37.19 30.33
N GLU B 51 3.07 38.40 29.88
CA GLU B 51 2.03 39.42 29.79
C GLU B 51 2.20 40.18 28.48
N ARG B 52 2.60 39.45 27.43
CA ARG B 52 2.90 40.06 26.12
C ARG B 52 2.46 39.24 24.88
N TYR B 53 2.42 37.93 24.98
CA TYR B 53 2.10 37.13 23.81
C TYR B 53 0.64 36.73 23.81
N GLU B 54 -0.14 37.28 22.88
CA GLU B 54 -1.54 36.94 22.73
C GLU B 54 -1.73 35.95 21.59
N ILE B 55 -2.15 34.73 21.90
CA ILE B 55 -2.47 33.70 20.88
C ILE B 55 -3.62 34.14 19.95
N VAL B 56 -3.37 34.15 18.63
CA VAL B 56 -4.37 34.50 17.64
C VAL B 56 -4.62 33.43 16.58
N GLY B 57 -3.84 32.34 16.62
CA GLY B 57 -3.98 31.25 15.63
C GLY B 57 -3.21 29.99 15.99
N ASN B 58 -3.65 28.85 15.45
CA ASN B 58 -2.86 27.61 15.56
C ASN B 58 -2.06 27.39 14.30
N LEU B 59 -0.80 27.04 14.47
CA LEU B 59 0.08 26.84 13.31
C LEU B 59 0.43 25.38 13.11
N GLY B 60 0.22 24.52 14.11
CA GLY B 60 0.54 23.12 13.94
C GLY B 60 0.98 22.54 15.26
N GLU B 61 1.09 21.22 15.31
CA GLU B 61 1.36 20.47 16.54
C GLU B 61 2.38 19.40 16.19
N GLY B 62 2.85 18.68 17.19
CA GLY B 62 3.93 17.71 17.01
C GLY B 62 4.17 16.88 18.26
N THR B 63 5.20 16.03 18.19
CA THR B 63 5.53 15.19 19.33
C THR B 63 6.16 16.06 20.41
N PHE B 64 6.83 17.14 20.01
CA PHE B 64 7.44 18.12 20.91
C PHE B 64 6.47 19.04 21.67
N GLY B 65 5.29 19.29 21.10
CA GLY B 65 4.43 20.32 21.62
C GLY B 65 3.55 20.88 20.53
N LYS B 66 3.31 22.18 20.56
CA LYS B 66 2.51 22.83 19.55
C LYS B 66 3.14 24.16 19.20
N VAL B 67 2.71 24.71 18.07
CA VAL B 67 3.12 26.04 17.62
C VAL B 67 1.87 26.85 17.35
N VAL B 68 1.83 28.05 17.91
CA VAL B 68 0.71 28.98 17.79
C VAL B 68 1.22 30.34 17.32
N GLU B 69 0.38 31.07 16.58
CA GLU B 69 0.72 32.43 16.16
C GLU B 69 0.26 33.35 17.26
N CYS B 70 1.07 34.36 17.53
CA CYS B 70 0.82 35.31 18.59
C CYS B 70 1.11 36.69 18.08
N LEU B 71 0.58 37.69 18.79
CA LEU B 71 1.00 39.09 18.67
C LEU B 71 1.95 39.42 19.86
N ASP B 72 3.08 40.06 19.57
CA ASP B 72 4.05 40.42 20.58
C ASP B 72 3.85 41.88 20.99
N HIS B 73 2.96 42.09 21.95
CA HIS B 73 2.56 43.44 22.33
C HIS B 73 3.75 44.31 22.80
N ALA B 74 4.76 43.66 23.38
CA ALA B 74 5.96 44.36 23.86
C ALA B 74 6.98 44.72 22.75
N ARG B 75 6.70 44.33 21.50
CA ARG B 75 7.53 44.73 20.37
C ARG B 75 6.67 45.20 19.19
N GLY B 76 5.56 45.88 19.51
CA GLY B 76 4.73 46.59 18.52
C GLY B 76 3.48 45.86 18.00
N LYS B 77 3.01 44.86 18.74
CA LYS B 77 1.93 43.98 18.26
C LYS B 77 2.37 43.11 17.04
N SER B 78 3.68 42.98 16.84
CA SER B 78 4.22 42.28 15.69
C SER B 78 4.11 40.78 15.87
N GLN B 79 4.00 40.08 14.75
CA GLN B 79 3.70 38.66 14.75
C GLN B 79 4.91 37.78 15.02
N VAL B 80 4.67 36.76 15.85
CA VAL B 80 5.65 35.71 16.10
C VAL B 80 4.94 34.35 16.01
N ALA B 81 5.73 33.31 15.72
CA ALA B 81 5.33 31.92 15.94
C ALA B 81 5.89 31.53 17.29
N LEU B 82 5.06 30.98 18.15
CA LEU B 82 5.49 30.60 19.50
C LEU B 82 5.39 29.09 19.62
N LYS B 83 6.53 28.45 19.77
CA LYS B 83 6.61 27.03 19.94
C LYS B 83 6.53 26.75 21.44
N ILE B 84 5.48 26.05 21.85
CA ILE B 84 5.22 25.68 23.24
C ILE B 84 5.50 24.20 23.47
N ILE B 85 6.56 23.92 24.20
CA ILE B 85 7.05 22.57 24.40
C ILE B 85 6.32 21.93 25.55
N ARG B 86 6.00 20.66 25.37
CA ARG B 86 5.42 19.84 26.41
C ARG B 86 6.15 19.95 27.73
N ASN B 87 5.35 19.95 28.78
CA ASN B 87 5.81 19.89 30.14
C ASN B 87 6.24 18.43 30.50
N VAL B 88 7.27 17.96 29.79
CA VAL B 88 7.81 16.61 29.92
C VAL B 88 9.34 16.73 29.85
N GLY B 89 10.07 15.90 30.61
CA GLY B 89 11.54 16.04 30.75
C GLY B 89 12.36 15.93 29.46
N LYS B 90 12.15 14.83 28.74
CA LYS B 90 12.79 14.55 27.44
C LYS B 90 12.73 15.76 26.48
N TYR B 91 11.54 16.39 26.39
CA TYR B 91 11.31 17.52 25.47
C TYR B 91 11.72 18.89 26.04
N ARG B 92 11.63 19.09 27.35
CA ARG B 92 12.12 20.30 27.95
C ARG B 92 13.64 20.39 27.72
N GLU B 93 14.32 19.28 27.95
CA GLU B 93 15.77 19.16 27.74
C GLU B 93 16.20 19.45 26.32
N ALA B 94 15.51 18.84 25.36
CA ALA B 94 15.78 19.08 23.93
C ALA B 94 15.59 20.56 23.57
N ALA B 95 14.56 21.19 24.14
CA ALA B 95 14.31 22.61 23.88
C ALA B 95 15.43 23.46 24.52
N ARG B 96 15.94 23.08 25.69
CA ARG B 96 17.07 23.81 26.27
C ARG B 96 18.30 23.72 25.36
N LEU B 97 18.57 22.53 24.83
CA LEU B 97 19.63 22.34 23.82
C LEU B 97 19.35 23.17 22.57
N GLU B 98 18.09 23.22 22.14
CA GLU B 98 17.71 24.04 21.00
C GLU B 98 17.95 25.52 21.23
N ILE B 99 17.59 26.02 22.38
CA ILE B 99 17.82 27.43 22.67
C ILE B 99 19.30 27.74 22.64
N ASN B 100 20.14 26.88 23.23
CA ASN B 100 21.59 27.06 23.15
C ASN B 100 22.07 27.11 21.68
N VAL B 101 21.58 26.19 20.87
CA VAL B 101 22.01 26.14 19.46
C VAL B 101 21.60 27.39 18.70
N LEU B 102 20.34 27.81 18.91
CA LEU B 102 19.77 28.96 18.22
C LEU B 102 20.53 30.21 18.57
N LYS B 103 20.91 30.32 19.83
CA LYS B 103 21.70 31.44 20.29
C LYS B 103 23.06 31.43 19.61
N LYS B 104 23.73 30.29 19.56
CA LYS B 104 25.03 30.16 18.89
C LYS B 104 24.90 30.49 17.40
N ILE B 105 23.77 30.15 16.81
CA ILE B 105 23.59 30.40 15.39
C ILE B 105 23.46 31.88 15.09
N LYS B 106 22.61 32.59 15.83
CA LYS B 106 22.48 34.03 15.58
C LYS B 106 23.77 34.79 15.95
N GLU B 107 24.56 34.24 16.87
CA GLU B 107 25.82 34.85 17.20
C GLU B 107 26.85 34.69 16.08
N LYS B 108 26.85 33.52 15.42
CA LYS B 108 27.78 33.29 14.29
C LYS B 108 27.32 33.89 12.95
N ASP B 109 26.00 34.09 12.82
CA ASP B 109 25.38 34.62 11.59
C ASP B 109 24.48 35.84 11.91
N LYS B 110 25.07 36.93 12.40
CA LYS B 110 24.32 38.09 12.86
C LYS B 110 23.35 38.64 11.77
N GLU B 111 23.79 38.67 10.52
CA GLU B 111 22.97 39.19 9.40
C GLU B 111 21.87 38.23 8.86
N ASN B 112 21.76 37.06 9.47
CA ASN B 112 20.86 35.97 9.03
C ASN B 112 20.97 35.63 7.52
N LYS B 113 22.21 35.56 7.02
CA LYS B 113 22.44 35.22 5.61
C LYS B 113 22.28 33.72 5.32
N PHE B 114 22.15 32.90 6.37
CA PHE B 114 22.23 31.42 6.23
C PHE B 114 20.91 30.72 6.55
N LEU B 115 19.82 31.48 6.52
CA LEU B 115 18.50 30.90 6.31
C LEU B 115 18.02 29.93 7.38
N CYS B 116 18.40 30.17 8.62
CA CYS B 116 17.83 29.50 9.77
C CYS B 116 16.73 30.36 10.41
N VAL B 117 15.71 29.71 10.96
CA VAL B 117 14.69 30.46 11.67
C VAL B 117 15.34 31.32 12.75
N LEU B 118 14.69 32.43 13.05
CA LEU B 118 15.25 33.47 13.87
C LEU B 118 14.53 33.45 15.20
N MET B 119 15.23 33.10 16.29
CA MET B 119 14.63 33.14 17.62
C MET B 119 14.66 34.56 18.09
N SER B 120 13.51 35.10 18.50
CA SER B 120 13.45 36.45 19.08
C SER B 120 13.36 36.44 20.60
N ASP B 121 13.07 35.29 21.20
CA ASP B 121 12.95 35.19 22.65
C ASP B 121 12.75 33.76 23.09
N TRP B 122 12.98 33.48 24.36
CA TRP B 122 12.58 32.19 24.90
C TRP B 122 12.20 32.37 26.35
N PHE B 123 11.36 31.47 26.85
CA PHE B 123 11.05 31.52 28.26
C PHE B 123 10.47 30.22 28.75
N ASN B 124 10.40 30.08 30.07
CA ASN B 124 9.80 28.95 30.71
C ASN B 124 8.43 29.44 31.18
N PHE B 125 7.38 28.75 30.78
CA PHE B 125 6.05 29.12 31.17
C PHE B 125 5.42 27.92 31.86
N HIS B 126 5.41 27.96 33.19
CA HIS B 126 4.88 26.88 34.03
C HIS B 126 5.41 25.51 33.61
N GLY B 127 6.72 25.45 33.31
CA GLY B 127 7.37 24.21 32.90
C GLY B 127 7.45 24.03 31.39
N HIS B 128 6.61 24.74 30.67
CA HIS B 128 6.61 24.66 29.21
C HIS B 128 7.69 25.61 28.70
N MET B 129 8.73 25.07 28.07
CA MET B 129 9.71 25.92 27.37
C MET B 129 9.02 26.50 26.13
N CYS B 130 9.21 27.78 25.90
CA CYS B 130 8.61 28.46 24.80
C CYS B 130 9.66 29.24 24.09
N ILE B 131 9.67 29.14 22.76
CA ILE B 131 10.62 29.84 21.95
C ILE B 131 9.83 30.64 20.94
N ALA B 132 10.11 31.94 20.88
CA ALA B 132 9.48 32.80 19.91
C ALA B 132 10.33 32.89 18.68
N PHE B 133 9.68 32.77 17.53
CA PHE B 133 10.32 32.87 16.23
C PHE B 133 9.61 33.94 15.40
N GLU B 134 10.31 34.46 14.39
CA GLU B 134 9.69 35.31 13.41
C GLU B 134 8.73 34.43 12.66
N LEU B 135 7.52 34.93 12.43
CA LEU B 135 6.46 34.16 11.73
C LEU B 135 6.79 33.94 10.26
N LEU B 136 6.66 32.69 9.85
CA LEU B 136 6.87 32.24 8.53
C LEU B 136 5.56 31.57 8.07
N GLY B 137 5.53 31.02 6.86
CA GLY B 137 4.27 30.50 6.34
C GLY B 137 4.29 29.01 6.56
N LYS B 138 3.64 28.27 5.68
CA LYS B 138 3.58 26.81 5.77
C LYS B 138 4.91 26.12 5.67
N ASN B 139 5.03 25.01 6.37
CA ASN B 139 6.16 24.14 6.11
C ASN B 139 5.92 23.41 4.78
N THR B 140 7.00 22.87 4.21
CA THR B 140 7.00 22.34 2.91
C THR B 140 6.25 21.01 2.85
N PHE B 141 6.06 20.35 3.98
CA PHE B 141 5.27 19.14 4.02
C PHE B 141 3.81 19.52 3.86
N GLU B 142 3.39 20.49 4.68
CA GLU B 142 2.03 20.93 4.73
C GLU B 142 1.55 21.52 3.46
N PHE B 143 2.42 22.26 2.77
CA PHE B 143 2.09 22.77 1.42
C PHE B 143 1.87 21.59 0.47
N LEU B 144 2.73 20.61 0.55
CA LEU B 144 2.60 19.41 -0.31
C LEU B 144 1.27 18.70 -0.04
N LYS B 145 0.96 18.52 1.23
CA LYS B 145 -0.33 17.93 1.65
C LYS B 145 -1.58 18.62 1.14
N GLU B 146 -1.61 19.93 1.22
CA GLU B 146 -2.72 20.73 0.77
C GLU B 146 -2.76 20.81 -0.76
N ASN B 147 -1.67 20.42 -1.38
CA ASN B 147 -1.57 20.29 -2.81
C ASN B 147 -1.81 18.85 -3.25
N ASN B 148 -2.34 18.03 -2.34
CA ASN B 148 -2.72 16.65 -2.67
C ASN B 148 -1.49 15.83 -3.07
N PHE B 149 -0.35 16.21 -2.49
CA PHE B 149 0.95 15.59 -2.69
C PHE B 149 1.44 15.64 -4.12
N GLN B 150 0.91 16.61 -4.87
CA GLN B 150 1.47 16.97 -6.17
C GLN B 150 2.80 17.71 -5.99
N PRO B 151 3.83 17.27 -6.73
CA PRO B 151 5.14 17.68 -6.41
C PRO B 151 5.41 19.10 -6.80
N TYR B 152 6.48 19.65 -6.23
CA TYR B 152 6.94 20.97 -6.61
C TYR B 152 7.56 20.84 -8.01
N PRO B 153 7.38 21.86 -8.87
CA PRO B 153 8.10 21.84 -10.16
C PRO B 153 9.61 21.95 -9.97
N LEU B 154 10.35 21.46 -10.95
CA LEU B 154 11.83 21.38 -10.87
C LEU B 154 12.52 22.69 -10.49
N PRO B 155 12.09 23.83 -11.08
CA PRO B 155 12.76 25.05 -10.66
C PRO B 155 12.53 25.41 -9.18
N HIS B 156 11.40 25.02 -8.63
CA HIS B 156 11.18 25.25 -7.23
C HIS B 156 12.06 24.29 -6.46
N VAL B 157 12.11 23.03 -6.89
CA VAL B 157 12.94 22.04 -6.25
C VAL B 157 14.39 22.54 -6.27
N ARG B 158 14.82 23.10 -7.38
CA ARG B 158 16.20 23.59 -7.50
C ARG B 158 16.54 24.72 -6.56
N HIS B 159 15.66 25.70 -6.49
CA HIS B 159 15.84 26.79 -5.58
C HIS B 159 15.80 26.36 -4.10
N MET B 160 14.96 25.39 -3.79
CA MET B 160 14.83 24.92 -2.40
C MET B 160 16.08 24.09 -2.00
N ALA B 161 16.57 23.27 -2.91
CA ALA B 161 17.85 22.54 -2.77
C ALA B 161 19.02 23.45 -2.47
N TYR B 162 19.09 24.52 -3.24
CA TYR B 162 20.18 25.43 -3.14
C TYR B 162 20.26 26.05 -1.77
N GLN B 163 19.12 26.50 -1.27
CA GLN B 163 18.97 27.12 0.01
C GLN B 163 19.25 26.15 1.17
N LEU B 164 18.74 24.92 1.07
CA LEU B 164 19.11 23.92 2.04
C LEU B 164 20.61 23.62 2.04
N CYS B 165 21.20 23.41 0.86
CA CYS B 165 22.63 23.14 0.83
C CYS B 165 23.39 24.31 1.47
N HIS B 166 22.99 25.53 1.17
CA HIS B 166 23.61 26.74 1.71
C HIS B 166 23.45 26.85 3.24
N ALA B 167 22.26 26.59 3.76
CA ALA B 167 22.01 26.69 5.18
C ALA B 167 22.83 25.64 5.91
N LEU B 168 22.71 24.40 5.47
CA LEU B 168 23.38 23.33 6.20
C LEU B 168 24.90 23.36 6.04
N ARG B 169 25.42 23.88 4.93
CA ARG B 169 26.88 24.00 4.78
C ARG B 169 27.46 24.89 5.85
N PHE B 170 26.73 25.97 6.14
CA PHE B 170 27.10 26.88 7.19
C PHE B 170 27.18 26.14 8.53
N LEU B 171 26.21 25.30 8.84
CA LEU B 171 26.19 24.67 10.17
C LEU B 171 27.31 23.64 10.28
N HIS B 172 27.54 22.95 9.17
CA HIS B 172 28.60 21.97 9.03
C HIS B 172 29.99 22.54 9.19
N GLU B 173 30.24 23.73 8.65
CA GLU B 173 31.54 24.41 8.81
C GLU B 173 31.75 24.90 10.25
N ASN B 174 30.65 24.95 10.99
CA ASN B 174 30.66 25.32 12.40
C ASN B 174 30.40 24.11 13.32
N GLN B 175 30.90 22.94 12.88
CA GLN B 175 30.96 21.72 13.70
C GLN B 175 29.60 21.20 14.23
N LEU B 176 28.58 21.37 13.40
CA LEU B 176 27.19 21.12 13.83
C LEU B 176 26.54 20.21 12.84
N THR B 177 25.74 19.26 13.34
CA THR B 177 24.94 18.43 12.44
C THR B 177 23.52 18.62 12.92
N HIS B 178 22.58 18.84 12.02
CA HIS B 178 21.16 19.06 12.38
C HIS B 178 20.54 17.75 12.90
N THR B 179 20.72 16.70 12.12
CA THR B 179 20.26 15.31 12.33
C THR B 179 18.78 15.00 12.13
N ASP B 180 17.98 16.00 11.94
CA ASP B 180 16.55 15.76 11.88
C ASP B 180 15.90 16.61 10.77
N LEU B 181 16.57 16.64 9.62
CA LEU B 181 16.04 17.34 8.47
C LEU B 181 14.96 16.52 7.83
N LYS B 182 13.84 17.19 7.53
CA LYS B 182 12.71 16.57 6.90
C LYS B 182 11.80 17.69 6.43
N PRO B 183 10.89 17.42 5.49
CA PRO B 183 10.04 18.48 4.92
C PRO B 183 9.32 19.35 5.93
N GLU B 184 8.83 18.76 7.01
CA GLU B 184 8.12 19.54 8.05
C GLU B 184 8.99 20.57 8.79
N ASN B 185 10.31 20.40 8.74
CA ASN B 185 11.22 21.30 9.45
C ASN B 185 11.80 22.32 8.50
N ILE B 186 11.21 22.39 7.31
CA ILE B 186 11.60 23.39 6.36
C ILE B 186 10.36 24.22 6.03
N LEU B 187 10.47 25.54 6.28
CA LEU B 187 9.33 26.48 6.17
C LEU B 187 9.52 27.44 5.05
N PHE B 188 8.43 27.71 4.33
CA PHE B 188 8.39 28.82 3.44
C PHE B 188 8.30 30.09 4.23
N VAL B 189 9.07 31.11 3.83
CA VAL B 189 8.96 32.44 4.35
C VAL B 189 7.53 33.00 4.13
N ASN B 190 6.96 32.71 2.97
CA ASN B 190 5.57 33.07 2.65
C ASN B 190 5.02 32.02 1.69
N SER B 191 3.97 31.31 2.10
CA SER B 191 3.48 30.17 1.32
C SER B 191 2.22 30.47 0.49
N GLU B 192 2.04 31.72 0.11
CA GLU B 192 0.92 32.13 -0.75
C GLU B 192 1.17 31.53 -2.10
N PHE B 193 0.09 31.10 -2.75
CA PHE B 193 0.17 30.33 -3.99
C PHE B 193 -0.79 30.82 -5.07
N GLU B 194 -0.52 30.47 -6.31
CA GLU B 194 -1.53 30.59 -7.35
C GLU B 194 -1.94 29.17 -7.74
N THR B 195 -3.16 29.06 -8.24
CA THR B 195 -3.72 27.80 -8.70
C THR B 195 -3.62 27.65 -10.20
N LEU B 196 -3.06 26.53 -10.62
CA LEU B 196 -2.86 26.23 -12.04
C LEU B 196 -3.68 24.98 -12.44
N TYR B 197 -3.78 24.72 -13.73
CA TYR B 197 -4.39 23.49 -14.22
C TYR B 197 -3.34 22.64 -14.92
N ASN B 198 -3.22 21.39 -14.53
CA ASN B 198 -2.33 20.44 -15.18
C ASN B 198 -3.10 19.67 -16.27
N GLU B 199 -2.78 19.95 -17.55
CA GLU B 199 -3.46 19.33 -18.68
C GLU B 199 -3.18 17.82 -18.67
N HIS B 200 -1.90 17.45 -18.66
CA HIS B 200 -1.50 16.04 -18.61
C HIS B 200 -2.30 15.29 -17.54
N LYS B 201 -2.39 15.85 -16.34
CA LYS B 201 -3.09 15.19 -15.22
C LYS B 201 -4.57 15.55 -15.07
N SER B 202 -5.08 16.49 -15.87
CA SER B 202 -6.49 16.92 -15.80
C SER B 202 -6.98 17.32 -14.39
N CYS B 203 -6.25 18.20 -13.71
CA CYS B 203 -6.61 18.63 -12.35
C CYS B 203 -5.92 19.94 -11.94
N GLU B 204 -6.47 20.59 -10.91
CA GLU B 204 -5.88 21.80 -10.36
C GLU B 204 -4.60 21.49 -9.61
N GLU B 205 -3.80 22.51 -9.34
CA GLU B 205 -2.47 22.35 -8.76
C GLU B 205 -2.02 23.68 -8.14
N LYS B 206 -1.46 23.65 -6.93
CA LYS B 206 -0.99 24.88 -6.31
C LYS B 206 0.51 25.11 -6.56
N SER B 207 0.87 26.36 -6.90
CA SER B 207 2.27 26.74 -7.15
C SER B 207 2.66 27.91 -6.27
N VAL B 208 3.60 27.70 -5.37
CA VAL B 208 3.98 28.72 -4.40
C VAL B 208 4.61 29.89 -5.18
N LYS B 209 4.25 31.11 -4.79
CA LYS B 209 4.74 32.33 -5.48
C LYS B 209 6.18 32.71 -5.17
N ASN B 210 6.70 32.23 -4.05
CA ASN B 210 8.04 32.56 -3.58
C ASN B 210 8.61 31.36 -2.82
N THR B 211 9.70 30.82 -3.35
CA THR B 211 10.26 29.56 -2.87
C THR B 211 11.37 29.79 -1.82
N SER B 212 11.51 31.01 -1.29
CA SER B 212 12.39 31.24 -0.13
C SER B 212 11.97 30.39 1.09
N ILE B 213 12.95 29.74 1.66
CA ILE B 213 12.73 28.86 2.78
C ILE B 213 13.66 29.13 3.95
N ARG B 214 13.32 28.55 5.09
CA ARG B 214 14.17 28.57 6.26
C ARG B 214 14.11 27.23 6.96
N VAL B 215 15.22 26.93 7.63
CA VAL B 215 15.44 25.67 8.29
C VAL B 215 15.13 25.88 9.76
N ALA B 216 14.26 24.99 10.25
CA ALA B 216 13.86 24.96 11.62
C ALA B 216 14.24 23.68 12.37
N ASP B 217 13.99 23.73 13.67
CA ASP B 217 14.03 22.63 14.64
C ASP B 217 15.41 22.08 14.91
N PHE B 218 16.04 22.67 15.91
CA PHE B 218 17.39 22.33 16.27
C PHE B 218 17.47 21.57 17.60
N GLY B 219 16.34 21.02 18.06
CA GLY B 219 16.31 20.26 19.31
C GLY B 219 17.12 18.97 19.30
N SER B 220 17.57 18.53 18.13
CA SER B 220 18.48 17.38 18.00
C SER B 220 19.87 17.75 17.48
N ALA B 221 20.05 19.00 17.06
CA ALA B 221 21.31 19.51 16.51
C ALA B 221 22.48 19.20 17.43
N THR B 222 23.51 18.55 16.88
CA THR B 222 24.58 18.04 17.71
C THR B 222 25.93 18.55 17.24
N PHE B 223 26.74 19.05 18.19
CA PHE B 223 28.05 19.58 17.90
C PHE B 223 29.06 18.45 17.85
N ASP B 224 30.19 18.65 17.14
CA ASP B 224 31.23 17.61 16.96
C ASP B 224 31.74 17.03 18.27
N HIS B 225 31.97 17.87 19.22
CA HIS B 225 32.50 17.43 20.50
C HIS B 225 31.47 16.78 21.45
N GLU B 226 30.18 16.86 21.15
CA GLU B 226 29.16 16.30 22.04
C GLU B 226 28.90 14.82 21.82
N HIS B 227 28.30 14.18 22.82
CA HIS B 227 27.90 12.79 22.72
C HIS B 227 27.02 12.56 21.49
N HIS B 228 27.31 11.49 20.77
CA HIS B 228 26.55 11.06 19.60
C HIS B 228 25.81 9.78 19.95
N THR B 229 24.50 9.91 20.17
CA THR B 229 23.57 8.79 20.28
C THR B 229 23.72 7.84 19.07
N THR B 230 23.46 6.55 19.29
CA THR B 230 23.52 5.53 18.26
C THR B 230 22.50 5.81 17.12
N ILE B 231 21.28 6.21 17.45
CA ILE B 231 20.22 6.40 16.46
C ILE B 231 19.79 7.85 16.44
N VAL B 232 19.85 8.45 15.26
CA VAL B 232 19.30 9.77 15.04
C VAL B 232 18.47 9.74 13.74
N ALA B 233 17.79 10.87 13.51
CA ALA B 233 16.97 11.20 12.32
C ALA B 233 15.62 10.52 12.43
N THR B 234 14.64 11.08 11.75
CA THR B 234 13.31 10.45 11.58
C THR B 234 13.48 9.36 10.60
N ARG B 235 12.82 8.21 10.82
CA ARG B 235 13.17 7.01 10.08
C ARG B 235 13.28 7.23 8.58
N HIS B 236 12.31 7.89 7.95
CA HIS B 236 12.33 7.95 6.48
C HIS B 236 13.56 8.65 5.96
N TYR B 237 14.14 9.52 6.80
CA TYR B 237 15.29 10.36 6.41
C TYR B 237 16.63 9.88 7.03
N ARG B 238 16.63 8.71 7.61
CA ARG B 238 17.80 8.17 8.36
C ARG B 238 18.75 7.41 7.41
N PRO B 239 20.04 7.74 7.46
CA PRO B 239 21.09 7.18 6.59
C PRO B 239 21.50 5.77 6.98
N PRO B 240 22.08 5.03 6.04
CA PRO B 240 22.46 3.65 6.32
C PRO B 240 23.53 3.48 7.43
N GLU B 241 24.48 4.42 7.54
CA GLU B 241 25.47 4.38 8.61
C GLU B 241 24.86 4.44 9.99
N VAL B 242 23.72 5.10 10.09
CA VAL B 242 23.01 5.21 11.37
C VAL B 242 22.31 3.89 11.71
N ILE B 243 21.65 3.27 10.74
CA ILE B 243 21.00 1.97 10.92
C ILE B 243 21.98 0.88 11.22
N LEU B 244 23.11 0.88 10.49
CA LEU B 244 24.16 -0.12 10.67
C LEU B 244 25.10 0.12 11.87
N GLU B 245 24.85 1.22 12.55
CA GLU B 245 25.54 1.64 13.77
C GLU B 245 27.04 1.77 13.57
N LEU B 246 27.40 2.61 12.62
CA LEU B 246 28.74 2.77 12.14
C LEU B 246 29.29 4.14 12.54
N GLY B 247 28.54 4.89 13.34
CA GLY B 247 28.92 6.30 13.59
C GLY B 247 28.34 7.21 12.53
N TRP B 248 28.09 8.45 12.91
CA TRP B 248 27.55 9.43 11.98
C TRP B 248 28.13 10.79 12.31
N ALA B 249 28.03 11.68 11.35
CA ALA B 249 28.49 13.02 11.49
C ALA B 249 27.75 13.84 10.41
N GLN B 250 28.35 14.93 9.93
CA GLN B 250 27.65 15.80 8.98
C GLN B 250 27.05 15.07 7.75
N PRO B 251 27.68 14.00 7.28
CA PRO B 251 27.08 13.43 6.08
C PRO B 251 25.69 12.86 6.30
N CYS B 252 25.28 12.67 7.56
CA CYS B 252 23.92 12.34 7.91
C CYS B 252 22.94 13.35 7.33
N ASP B 253 23.19 14.64 7.54
CA ASP B 253 22.30 15.67 6.96
C ASP B 253 22.23 15.59 5.43
N VAL B 254 23.33 15.20 4.79
CA VAL B 254 23.39 15.18 3.31
C VAL B 254 22.47 14.06 2.76
N TRP B 255 22.50 12.89 3.38
CA TRP B 255 21.54 11.83 3.09
C TRP B 255 20.12 12.34 3.19
N SER B 256 19.82 13.01 4.30
CA SER B 256 18.47 13.45 4.53
C SER B 256 18.03 14.45 3.47
N ILE B 257 18.93 15.36 3.10
CA ILE B 257 18.64 16.30 2.03
C ILE B 257 18.34 15.62 0.74
N GLY B 258 19.10 14.58 0.44
CA GLY B 258 18.80 13.82 -0.76
C GLY B 258 17.38 13.24 -0.74
N CYS B 259 16.96 12.70 0.41
CA CYS B 259 15.59 12.11 0.52
C CYS B 259 14.52 13.20 0.34
N ILE B 260 14.82 14.39 0.85
CA ILE B 260 13.91 15.52 0.80
C ILE B 260 13.74 16.01 -0.61
N LEU B 261 14.84 16.13 -1.33
CA LEU B 261 14.76 16.58 -2.72
C LEU B 261 13.90 15.64 -3.54
N PHE B 262 14.02 14.35 -3.26
CA PHE B 262 13.24 13.37 -3.96
C PHE B 262 11.78 13.61 -3.65
N GLU B 263 11.48 13.78 -2.37
CA GLU B 263 10.14 14.02 -1.93
C GLU B 263 9.52 15.32 -2.50
N TYR B 264 10.31 16.38 -2.64
CA TYR B 264 9.85 17.64 -3.28
C TYR B 264 9.53 17.39 -4.75
N TYR B 265 10.34 16.53 -5.34
CA TYR B 265 10.24 16.25 -6.76
C TYR B 265 9.14 15.24 -7.19
N ARG B 266 8.84 14.23 -6.40
CA ARG B 266 7.77 13.30 -6.69
C ARG B 266 6.54 13.46 -5.83
N GLY B 267 6.64 14.12 -4.68
CA GLY B 267 5.49 14.31 -3.83
C GLY B 267 5.29 13.23 -2.78
N PHE B 268 6.04 12.14 -2.92
CA PHE B 268 5.94 11.01 -1.99
C PHE B 268 7.31 10.65 -1.41
N THR B 269 7.27 9.97 -0.27
CA THR B 269 8.46 9.81 0.55
C THR B 269 9.30 8.77 -0.16
N LEU B 270 10.61 8.95 -0.22
CA LEU B 270 11.44 7.99 -0.91
C LEU B 270 11.48 6.64 -0.19
N PHE B 271 11.75 6.68 1.10
CA PHE B 271 11.70 5.49 1.92
C PHE B 271 10.51 5.43 2.86
N GLN B 272 9.41 4.80 2.43
CA GLN B 272 8.18 4.85 3.22
C GLN B 272 8.25 3.63 4.05
N THR B 273 9.14 3.69 5.04
CA THR B 273 9.50 2.51 5.75
C THR B 273 9.21 2.64 7.24
N HIS B 274 9.07 1.50 7.91
CA HIS B 274 8.80 1.45 9.35
C HIS B 274 9.75 0.56 10.11
N GLU B 275 10.72 -0.04 9.46
CA GLU B 275 11.53 -1.07 10.12
C GLU B 275 12.90 -1.12 9.44
N ASN B 276 13.96 -1.43 10.17
CA ASN B 276 15.32 -1.37 9.62
C ASN B 276 15.63 -2.28 8.42
N ARG B 277 15.25 -3.55 8.52
CA ARG B 277 15.58 -4.53 7.48
C ARG B 277 14.88 -4.11 6.19
N GLU B 278 13.58 -3.82 6.25
CA GLU B 278 12.87 -3.30 5.08
C GLU B 278 13.58 -2.05 4.51
N HIS B 279 13.94 -1.11 5.37
CA HIS B 279 14.59 0.12 4.97
C HIS B 279 15.85 -0.24 4.14
N LEU B 280 16.67 -1.14 4.66
CA LEU B 280 17.93 -1.49 4.00
C LEU B 280 17.62 -2.17 2.68
N VAL B 281 16.57 -3.00 2.64
CA VAL B 281 16.13 -3.59 1.38
C VAL B 281 15.67 -2.52 0.40
N MET B 282 14.98 -1.47 0.86
CA MET B 282 14.54 -0.42 -0.07
C MET B 282 15.77 0.33 -0.63
N MET B 283 16.75 0.56 0.24
CA MET B 283 17.98 1.16 -0.22
C MET B 283 18.66 0.35 -1.30
N GLU B 284 18.70 -0.96 -1.18
CA GLU B 284 19.38 -1.75 -2.20
C GLU B 284 18.58 -1.73 -3.51
N LYS B 285 17.26 -1.80 -3.41
CA LYS B 285 16.39 -1.79 -4.59
C LYS B 285 16.49 -0.46 -5.34
N ILE B 286 16.68 0.63 -4.58
CA ILE B 286 16.62 1.95 -5.17
C ILE B 286 18.03 2.34 -5.63
N LEU B 287 19.03 2.09 -4.80
CA LEU B 287 20.36 2.65 -5.01
C LEU B 287 21.45 1.60 -5.33
N GLY B 288 21.15 0.33 -5.14
CA GLY B 288 22.07 -0.72 -5.49
C GLY B 288 22.67 -1.33 -4.25
N PRO B 289 23.58 -2.29 -4.42
CA PRO B 289 24.12 -3.02 -3.29
C PRO B 289 24.81 -2.13 -2.29
N ILE B 290 24.58 -2.41 -1.02
CA ILE B 290 25.34 -1.82 0.07
C ILE B 290 26.80 -2.29 -0.10
N PRO B 291 27.79 -1.37 -0.06
CA PRO B 291 29.20 -1.70 -0.23
C PRO B 291 29.66 -2.72 0.82
N SER B 292 30.41 -3.72 0.38
CA SER B 292 30.69 -4.84 1.27
C SER B 292 31.50 -4.39 2.48
N HIS B 293 32.33 -3.36 2.34
CA HIS B 293 33.05 -2.86 3.49
C HIS B 293 32.14 -2.36 4.65
N MET B 294 30.97 -1.80 4.36
CA MET B 294 30.09 -1.39 5.47
C MET B 294 29.41 -2.59 6.14
N ILE B 295 29.15 -3.65 5.38
CA ILE B 295 28.61 -4.90 5.92
C ILE B 295 29.65 -5.62 6.77
N HIS B 296 30.92 -5.65 6.33
CA HIS B 296 32.01 -6.23 7.12
C HIS B 296 32.14 -5.54 8.45
N ARG B 297 31.90 -4.24 8.51
CA ARG B 297 32.20 -3.42 9.69
C ARG B 297 31.01 -3.40 10.65
N THR B 298 29.80 -3.55 10.15
CA THR B 298 28.64 -3.39 11.05
C THR B 298 28.61 -4.50 12.10
N ARG B 299 28.10 -4.18 13.28
CA ARG B 299 27.81 -5.22 14.28
C ARG B 299 26.34 -5.63 14.20
N LYS B 300 25.62 -5.10 13.18
CA LYS B 300 24.27 -5.58 12.82
C LYS B 300 24.30 -6.66 11.69
N GLN B 301 24.87 -7.80 12.02
CA GLN B 301 25.04 -8.89 11.04
C GLN B 301 23.76 -9.74 10.94
N LYS B 302 22.83 -9.55 11.88
CA LYS B 302 21.54 -10.21 11.81
C LYS B 302 20.73 -9.83 10.57
N TYR B 303 21.04 -8.69 9.94
CA TYR B 303 20.36 -8.25 8.71
C TYR B 303 20.95 -8.90 7.46
N PHE B 304 22.09 -9.60 7.61
CA PHE B 304 22.76 -10.24 6.49
C PHE B 304 23.01 -11.76 6.66
N TYR B 305 23.49 -12.36 5.58
CA TYR B 305 23.84 -13.76 5.55
C TYR B 305 24.66 -13.99 4.27
N LYS B 306 25.92 -14.41 4.45
CA LYS B 306 26.92 -14.54 3.39
C LYS B 306 27.02 -13.23 2.55
N GLY B 307 27.27 -12.12 3.23
CA GLY B 307 27.49 -10.83 2.56
C GLY B 307 26.30 -10.13 1.90
N GLY B 308 25.12 -10.76 1.87
CA GLY B 308 23.91 -10.16 1.23
C GLY B 308 22.74 -10.03 2.20
N LEU B 309 21.86 -9.03 1.99
CA LEU B 309 20.72 -8.81 2.90
C LEU B 309 19.78 -9.98 2.91
N VAL B 310 19.21 -10.28 4.08
CA VAL B 310 18.29 -11.40 4.16
C VAL B 310 16.90 -10.83 4.40
N TRP B 311 15.92 -11.35 3.67
CA TRP B 311 14.64 -10.67 3.51
C TRP B 311 13.67 -11.64 2.89
N ASP B 312 12.42 -11.58 3.33
CA ASP B 312 11.40 -12.46 2.82
C ASP B 312 10.62 -11.62 1.84
N GLU B 313 10.82 -11.86 0.55
CA GLU B 313 10.12 -11.16 -0.52
C GLU B 313 8.57 -11.40 -0.56
N ASN B 314 8.11 -12.49 0.03
CA ASN B 314 6.71 -12.85 0.06
C ASN B 314 5.93 -12.32 1.26
N SER B 315 6.65 -11.73 2.23
CA SER B 315 6.01 -11.06 3.38
C SER B 315 5.29 -9.84 2.89
N SER B 316 4.42 -9.26 3.69
CA SER B 316 3.66 -8.10 3.21
C SER B 316 4.60 -6.90 2.93
N ASP B 317 5.60 -6.71 3.77
CA ASP B 317 6.67 -5.74 3.54
C ASP B 317 7.49 -6.07 2.28
N GLY B 318 7.81 -7.34 2.12
CA GLY B 318 8.48 -7.79 0.90
C GLY B 318 7.66 -7.46 -0.37
N ARG B 319 6.39 -7.72 -0.34
CA ARG B 319 5.57 -7.42 -1.48
C ARG B 319 5.45 -5.90 -1.70
N TYR B 320 5.33 -5.13 -0.63
CA TYR B 320 5.21 -3.68 -0.75
C TYR B 320 6.47 -3.14 -1.47
N VAL B 321 7.61 -3.62 -1.02
CA VAL B 321 8.90 -3.08 -1.46
C VAL B 321 9.10 -3.44 -2.92
N LYS B 322 8.79 -4.68 -3.25
CA LYS B 322 8.84 -5.14 -4.62
C LYS B 322 7.92 -4.35 -5.60
N GLU B 323 6.66 -4.17 -5.20
CA GLU B 323 5.73 -3.34 -5.99
C GLU B 323 6.15 -1.88 -6.13
N ASN B 324 6.70 -1.29 -5.06
CA ASN B 324 6.84 0.18 -4.99
C ASN B 324 8.26 0.77 -5.11
N CYS B 325 9.31 0.02 -4.76
CA CYS B 325 10.68 0.54 -4.75
C CYS B 325 11.45 0.10 -5.99
N LYS B 326 11.75 1.06 -6.88
CA LYS B 326 12.40 0.81 -8.16
C LYS B 326 13.75 1.57 -8.24
N PRO B 327 14.63 1.18 -9.16
CA PRO B 327 15.89 1.91 -9.26
C PRO B 327 15.65 3.43 -9.39
N LEU B 328 16.50 4.23 -8.73
CA LEU B 328 16.32 5.68 -8.57
C LEU B 328 16.01 6.42 -9.86
N LYS B 329 16.71 6.05 -10.93
CA LYS B 329 16.62 6.75 -12.20
C LYS B 329 15.24 6.55 -12.83
N SER B 330 14.54 5.49 -12.44
CA SER B 330 13.23 5.21 -13.01
C SER B 330 12.17 6.19 -12.51
N TYR B 331 12.50 6.99 -11.49
CA TYR B 331 11.58 8.00 -10.93
C TYR B 331 11.71 9.33 -11.64
N MET B 332 12.65 9.44 -12.57
CA MET B 332 12.78 10.66 -13.38
C MET B 332 11.49 10.90 -14.14
N LEU B 333 10.99 12.13 -14.13
CA LEU B 333 9.72 12.47 -14.83
C LEU B 333 9.91 12.97 -16.24
N GLN B 334 11.06 13.57 -16.51
CA GLN B 334 11.40 14.03 -17.85
C GLN B 334 12.86 13.68 -18.05
N ASP B 335 13.32 13.81 -19.28
CA ASP B 335 14.62 13.29 -19.70
C ASP B 335 15.56 14.41 -20.07
N SER B 336 15.21 15.65 -19.79
CA SER B 336 16.06 16.77 -20.18
C SER B 336 17.27 16.88 -19.22
N LEU B 337 18.19 17.78 -19.53
CA LEU B 337 19.44 17.95 -18.78
C LEU B 337 19.16 18.29 -17.32
N GLU B 338 18.32 19.29 -17.10
CA GLU B 338 18.05 19.73 -15.73
C GLU B 338 17.54 18.61 -14.83
N HIS B 339 16.74 17.71 -15.38
CA HIS B 339 16.31 16.53 -14.63
C HIS B 339 17.45 15.51 -14.41
N VAL B 340 18.20 15.18 -15.45
CA VAL B 340 19.37 14.28 -15.34
C VAL B 340 20.32 14.86 -14.24
N GLN B 341 20.49 16.17 -14.22
CA GLN B 341 21.37 16.80 -13.25
C GLN B 341 20.87 16.65 -11.81
N LEU B 342 19.57 16.88 -11.58
CA LEU B 342 18.95 16.62 -10.29
C LEU B 342 19.24 15.22 -9.81
N PHE B 343 19.03 14.24 -10.67
CA PHE B 343 19.25 12.85 -10.27
C PHE B 343 20.72 12.50 -10.06
N ASP B 344 21.61 13.18 -10.74
CA ASP B 344 23.02 12.96 -10.50
C ASP B 344 23.36 13.45 -9.10
N LEU B 345 22.87 14.64 -8.78
CA LEU B 345 23.09 15.22 -7.49
C LEU B 345 22.48 14.39 -6.42
N MET B 346 21.26 13.92 -6.64
CA MET B 346 20.53 13.19 -5.63
C MET B 346 21.27 11.88 -5.38
N ARG B 347 21.75 11.25 -6.45
CA ARG B 347 22.51 10.00 -6.37
C ARG B 347 23.76 10.22 -5.52
N ARG B 348 24.44 11.34 -5.71
CA ARG B 348 25.65 11.60 -4.94
C ARG B 348 25.33 11.87 -3.48
N MET B 349 24.14 12.38 -3.17
CA MET B 349 23.78 12.66 -1.80
C MET B 349 23.32 11.36 -1.13
N LEU B 350 22.86 10.40 -1.91
CA LEU B 350 22.40 9.12 -1.36
C LEU B 350 23.50 8.05 -1.54
N GLU B 351 24.75 8.48 -1.55
CA GLU B 351 25.88 7.54 -1.48
C GLU B 351 25.82 6.76 -0.18
N PHE B 352 25.91 5.42 -0.27
CA PHE B 352 25.91 4.60 0.93
C PHE B 352 27.02 4.96 1.91
N ASP B 353 28.23 5.07 1.39
CA ASP B 353 29.42 5.24 2.20
C ASP B 353 29.48 6.72 2.55
N PRO B 354 29.31 7.07 3.83
CA PRO B 354 29.34 8.50 4.21
C PRO B 354 30.66 9.20 3.90
N ALA B 355 31.75 8.48 4.02
CA ALA B 355 33.05 9.02 3.60
C ALA B 355 33.09 9.37 2.11
N GLN B 356 32.28 8.72 1.29
CA GLN B 356 32.27 9.03 -0.15
C GLN B 356 31.17 10.02 -0.50
N ARG B 357 30.12 10.07 0.32
CA ARG B 357 28.98 10.97 0.04
C ARG B 357 29.48 12.41 -0.26
N ILE B 358 28.87 13.05 -1.25
CA ILE B 358 29.16 14.43 -1.58
C ILE B 358 28.99 15.31 -0.35
N THR B 359 29.88 16.28 -0.16
CA THR B 359 29.70 17.22 0.96
C THR B 359 28.78 18.34 0.46
N LEU B 360 28.26 19.16 1.37
CA LEU B 360 27.42 20.28 0.92
C LEU B 360 28.21 21.38 0.18
N ALA B 361 29.44 21.62 0.58
CA ALA B 361 30.34 22.52 -0.18
C ALA B 361 30.50 22.10 -1.62
N GLU B 362 30.70 20.80 -1.82
CA GLU B 362 30.78 20.21 -3.16
C GLU B 362 29.42 20.28 -3.89
N ALA B 363 28.33 20.12 -3.16
CA ALA B 363 26.97 20.18 -3.74
C ALA B 363 26.67 21.55 -4.34
N LEU B 364 27.09 22.59 -3.65
CA LEU B 364 26.90 23.95 -4.13
C LEU B 364 27.57 24.24 -5.49
N LEU B 365 28.56 23.44 -5.90
CA LEU B 365 29.23 23.63 -7.21
C LEU B 365 28.63 22.73 -8.29
N HIS B 366 27.69 21.87 -7.93
CA HIS B 366 27.11 20.93 -8.89
C HIS B 366 26.43 21.66 -10.03
N PRO B 367 26.56 21.13 -11.27
CA PRO B 367 25.98 21.75 -12.46
C PRO B 367 24.48 22.02 -12.40
N PHE B 368 23.73 21.18 -11.68
CA PHE B 368 22.29 21.42 -11.39
C PHE B 368 21.97 22.83 -10.97
N PHE B 369 22.89 23.46 -10.26
CA PHE B 369 22.70 24.82 -9.80
C PHE B 369 23.07 25.94 -10.76
N ALA B 370 23.51 25.56 -11.96
CA ALA B 370 23.64 26.50 -13.07
C ALA B 370 22.26 27.08 -13.50
N GLY B 371 21.16 26.36 -13.19
CA GLY B 371 19.81 26.77 -13.59
C GLY B 371 19.13 27.88 -12.77
N LEU B 372 19.70 28.22 -11.62
CA LEU B 372 19.11 29.26 -10.77
C LEU B 372 19.16 30.58 -11.52
N THR B 373 18.10 31.38 -11.40
CA THR B 373 18.12 32.78 -11.85
C THR B 373 19.15 33.60 -11.03
N PRO B 374 19.52 34.80 -11.51
CA PRO B 374 20.45 35.61 -10.70
C PRO B 374 19.92 35.91 -9.29
N GLU B 375 18.65 36.29 -9.21
CA GLU B 375 17.99 36.60 -7.92
C GLU B 375 18.04 35.42 -6.93
N GLU B 376 17.82 34.22 -7.43
CA GLU B 376 17.87 33.02 -6.57
C GLU B 376 19.30 32.75 -6.07
N ARG B 377 20.29 32.99 -6.93
CA ARG B 377 21.67 32.57 -6.68
C ARG B 377 22.36 33.45 -5.64
N SER B 378 22.10 34.76 -5.69
CA SER B 378 22.70 35.70 -4.76
C SER B 378 21.80 36.07 -3.55
N PHE B 379 20.71 35.33 -3.33
CA PHE B 379 19.78 35.56 -2.19
C PHE B 379 19.11 36.93 -2.17
N HIS B 380 18.44 37.29 -3.28
CA HIS B 380 17.61 38.49 -3.33
C HIS B 380 16.16 38.21 -3.82
N THR B 381 15.61 37.03 -3.51
CA THR B 381 14.21 36.70 -3.87
C THR B 381 13.19 37.35 -2.93
CAA 3RA C . -16.69 -20.28 -16.09
CAB 3RA C . -18.05 -20.20 -16.41
CAC 3RA C . -18.69 -21.28 -16.99
CAD 3RA C . -17.99 -22.45 -17.25
CAE 3RA C . -16.63 -22.52 -16.94
CAF 3RA C . -15.97 -21.44 -16.35
NAG 3RA C . -14.64 -21.47 -16.04
CAH 3RA C . -13.86 -22.56 -15.86
NAI 3RA C . -14.25 -23.84 -15.90
CAJ 3RA C . -13.20 -24.62 -15.66
CAK 3RA C . -12.12 -23.75 -15.52
NAL 3RA C . -12.54 -22.50 -15.65
OAM 3RA C . -10.97 -24.12 -15.28
CAN 3RA C . -13.02 -26.00 -15.55
CAO 3RA C . -14.05 -26.94 -15.49
CAP 3RA C . -15.38 -26.67 -15.80
CAQ 3RA C . -16.32 -27.70 -15.70
CAR 3RA C . -15.95 -28.96 -15.28
CAS 3RA C . -14.63 -29.24 -14.99
CAT 3RA C . -13.70 -28.23 -15.10
OAU 3RA C . -17.66 -27.71 -15.92
CAV 3RA C . -18.16 -28.87 -15.31
OAW 3RA C . -17.06 -29.74 -15.34
CAA 3RA D . 6.17 20.74 12.95
CAB 3RA D . 4.87 20.54 12.46
CAC 3RA D . 4.00 21.62 12.49
CAD 3RA D . 4.41 22.84 13.03
CAE 3RA D . 5.70 23.03 13.53
CAF 3RA D . 6.58 21.97 13.49
NAG 3RA D . 7.84 22.06 13.89
CAH 3RA D . 8.55 23.16 14.11
NAI 3RA D . 8.24 24.41 13.79
CAJ 3RA D . 9.23 25.18 14.23
CAK 3RA D . 10.18 24.32 14.85
NAL 3RA D . 9.73 23.10 14.75
OAM 3RA D . 11.27 24.57 15.41
CAN 3RA D . 9.42 26.56 14.15
CAO 3RA D . 8.62 27.48 13.46
CAP 3RA D . 7.35 27.20 12.98
CAQ 3RA D . 6.59 28.16 12.33
CAR 3RA D . 7.14 29.43 12.14
CAS 3RA D . 8.40 29.71 12.62
CAT 3RA D . 9.12 28.75 13.31
OAU 3RA D . 5.34 28.12 11.77
CAV 3RA D . 5.22 29.36 11.00
OAW 3RA D . 6.24 30.20 11.49
#